data_9KRM
#
_entry.id   9KRM
#
_cell.length_a   1.00
_cell.length_b   1.00
_cell.length_c   1.00
_cell.angle_alpha   90.00
_cell.angle_beta   90.00
_cell.angle_gamma   90.00
#
_symmetry.space_group_name_H-M   'P 1'
#
loop_
_entity.id
_entity.type
_entity.pdbx_description
1 polymer 'ATP-binding cassette sub-family C member 4'
2 non-polymer METHOTREXATE
#
_entity_poly.entity_id   1
_entity_poly.type   'polypeptide(L)'
_entity_poly.pdbx_seq_one_letter_code
;MLPVYQEVKPNPLQDANLCSRVFFWWLNPLFKIGHKRRLEEDDMYSVLPEDRSQHLGEELQGFWDKEVLRAENDAQKPSL
TRAIIKCYWKSYLVLGIFTLIEESAKVIQPIFLGKIINYFENYDPMDSVALNTAYAYATVLTFCTLILAILHHLYFYHVQ
CAGMRLRVAMCHMIYRKALRLSNMAMGKTTTGQIVNLLSNDVNKFDQVTVFLHFLWAGPLQAIAVTALLWMEIGISCLAG
MAVLIILLPLQSCFGKLFSSLRSKTATFTDARIRTMNEVITGIRIIKMYAWEKSFSNLITNLRKKEISKILRSSCLRGMN
LASFFSASKIIVFVTFTTYVLLGSVITASRVFVAVTLYGAVRLTVTLFFPSAIERVSEAIVSIRRIQTFLLLDEISQRNR
QLPSDGKKMVHVQDFTAFWDKASETPTLQGLSFTVRPGELLAVVGPVGAGKSSLLSAVLGELAPSHGLVSVHGRIAYVSQ
QPWVFSGTLRSNILFGKKYEKERYEKVIKACALKKDLQLLEDGDLTVIGDRGTTLSGGQKARVNLARAVYQDADIYLLDD
PLSAVDAEVSRHLFELCICQILHEKITILVTHQLQYLKAASQILILKDGKMVQKGTYTEFLKSGIDFGSLLKKDNEESEQ
PPVPGTPTLRNRTFSESSVWSQQSSRPSLKDGALESQDTENVPVTLSEENRSEGKVGFQAYKNYFRAGAHWIVFIFLILL
NTAAQVAYVLQDWWLSYWANKQSMLNVTVNGGGNVTEKLDLNWYLGIYSGLTVATVLFGIARSLLVFYVLVNSSQTLHNK
MFESILKAPVLFFDRNPIGRILNRFSKDIGHLDDLLPLTFLDFIQTLLQVVGVVSVAVAVIPWIAIPLVPLGIIFIFLRR
YFLETSRDVKRLESTTRSPVFSHLSSSLQGLWTIRAYKAEERCQELFDAHQDLHSEAWFLFLTTSRWFAVRLDAICAMFV
IIVAFGSLILAKTLDAGQVGLALSYALTLMGMFQWCVRQSAEVENMMISVERVIEYTDLEKEAPWEYQKRPPPAWPHEGV
IIFDNVNFMYSPGGPLVLKHLTALIKSQEKVGIVGRTGAGKSSLISALFRLSEPEGKIWIDKILTTEIGLHDLRKKMSII
PQEPVLFTGTMRKNLDPFNEHTDEELWNALQEVQLKETIEDLPGKMDTELAESGSNFSVGQRQLVCLARAILRKNQILII
DEATANVDPRTDELIQKKIREKFAHCTVLTIAHRLNTIIDSDKIMVLDSGRLKEYDEPYVLLQNKESLFYKMVQQLGKAE
AAALTETAKQVYFKRNYPHIGHTDHMVTNTSNGQPSTLTIFETAL
;
_entity_poly.pdbx_strand_id   A
#
loop_
_chem_comp.id
_chem_comp.type
_chem_comp.name
_chem_comp.formula
MTX non-polymer METHOTREXATE 'C20 H22 N8 O5'
#
# COMPACT_ATOMS: atom_id res chain seq x y z
N VAL A 8 -38.77 5.31 10.38
CA VAL A 8 -37.53 4.70 9.91
C VAL A 8 -37.09 5.35 8.60
N LYS A 9 -36.16 4.69 7.91
CA LYS A 9 -35.59 5.19 6.65
C LYS A 9 -35.92 4.21 5.54
N PRO A 10 -37.05 4.37 4.85
CA PRO A 10 -37.40 3.45 3.77
C PRO A 10 -36.53 3.69 2.55
N ASN A 11 -36.12 2.58 1.91
CA ASN A 11 -35.27 2.70 0.73
C ASN A 11 -36.09 2.73 -0.54
N PRO A 12 -35.67 3.51 -1.52
CA PRO A 12 -36.38 3.58 -2.81
C PRO A 12 -36.13 2.40 -3.74
N LEU A 13 -35.33 1.41 -3.32
CA LEU A 13 -35.10 0.25 -4.17
C LEU A 13 -36.39 -0.53 -4.42
N GLN A 14 -37.15 -0.76 -3.35
CA GLN A 14 -38.47 -1.34 -3.51
C GLN A 14 -39.46 -0.26 -3.97
N ASP A 15 -40.71 -0.69 -4.18
CA ASP A 15 -41.77 0.13 -4.78
C ASP A 15 -41.25 0.93 -5.98
N ALA A 16 -40.41 0.29 -6.78
CA ALA A 16 -39.83 0.92 -7.96
C ALA A 16 -40.04 0.00 -9.14
N ASN A 17 -40.73 0.49 -10.18
CA ASN A 17 -41.08 -0.33 -11.31
C ASN A 17 -39.86 -0.64 -12.17
N LEU A 18 -40.09 -1.43 -13.22
CA LEU A 18 -39.03 -1.73 -14.17
C LEU A 18 -38.70 -0.49 -15.00
N CYS A 19 -37.63 -0.60 -15.79
CA CYS A 19 -37.11 0.48 -16.63
C CYS A 19 -36.64 1.65 -15.77
N SER A 20 -36.65 1.46 -14.45
CA SER A 20 -36.09 2.42 -13.50
C SER A 20 -34.96 1.82 -12.68
N ARG A 21 -34.82 0.50 -12.68
CA ARG A 21 -33.73 -0.18 -11.99
C ARG A 21 -32.59 -0.56 -12.91
N VAL A 22 -32.79 -0.49 -14.24
CA VAL A 22 -31.69 -0.77 -15.16
C VAL A 22 -30.76 0.44 -15.26
N PHE A 23 -31.28 1.65 -15.13
CA PHE A 23 -30.47 2.86 -15.14
C PHE A 23 -30.22 3.42 -13.75
N PHE A 24 -30.73 2.76 -12.71
CA PHE A 24 -30.57 3.21 -11.33
C PHE A 24 -31.10 4.63 -11.14
N TRP A 25 -32.32 4.85 -11.63
CA TRP A 25 -32.95 6.17 -11.56
C TRP A 25 -33.42 6.53 -10.16
N TRP A 26 -33.48 5.56 -9.25
CA TRP A 26 -33.96 5.81 -7.90
C TRP A 26 -32.89 6.40 -6.98
N LEU A 27 -31.65 6.54 -7.45
CA LEU A 27 -30.55 7.03 -6.64
C LEU A 27 -30.20 8.48 -6.93
N ASN A 28 -31.01 9.17 -7.74
CA ASN A 28 -30.76 10.56 -8.10
C ASN A 28 -30.87 11.51 -6.92
N PRO A 29 -31.90 11.41 -6.06
CA PRO A 29 -32.00 12.39 -4.96
C PRO A 29 -30.82 12.34 -4.00
N LEU A 30 -30.33 11.14 -3.66
CA LEU A 30 -29.22 11.02 -2.72
C LEU A 30 -28.03 11.87 -3.15
N PHE A 31 -27.70 11.82 -4.44
CA PHE A 31 -26.60 12.63 -4.97
C PHE A 31 -26.82 14.12 -4.67
N LYS A 32 -28.05 14.60 -4.89
CA LYS A 32 -28.36 16.00 -4.61
C LYS A 32 -28.14 16.35 -3.15
N ILE A 33 -28.18 15.37 -2.26
CA ILE A 33 -27.88 15.63 -0.86
C ILE A 33 -26.38 15.58 -0.62
N GLY A 34 -25.69 14.65 -1.29
CA GLY A 34 -24.25 14.53 -1.11
C GLY A 34 -23.42 15.54 -1.88
N HIS A 35 -24.05 16.31 -2.76
CA HIS A 35 -23.32 17.27 -3.57
C HIS A 35 -22.97 18.54 -2.80
N LYS A 36 -23.80 18.92 -1.82
CA LYS A 36 -23.60 20.19 -1.13
C LYS A 36 -23.84 20.12 0.37
N ARG A 37 -23.93 18.94 0.98
CA ARG A 37 -24.25 18.86 2.40
C ARG A 37 -23.38 17.91 3.21
N ARG A 38 -22.61 17.00 2.59
CA ARG A 38 -21.72 16.09 3.30
C ARG A 38 -22.50 15.26 4.33
N LEU A 39 -23.37 14.40 3.80
CA LEU A 39 -24.16 13.48 4.61
C LEU A 39 -23.30 12.78 5.66
N GLU A 40 -23.78 12.77 6.91
CA GLU A 40 -22.95 12.29 8.02
C GLU A 40 -23.21 10.82 8.32
N GLU A 41 -24.40 10.51 8.84
CA GLU A 41 -24.77 9.10 9.04
C GLU A 41 -26.24 8.78 8.78
N ASP A 42 -27.14 9.77 8.70
CA ASP A 42 -28.56 9.52 8.68
C ASP A 42 -29.18 9.73 7.29
N ASP A 43 -28.36 9.80 6.24
CA ASP A 43 -28.85 9.95 4.88
C ASP A 43 -28.62 8.68 4.07
N MET A 44 -28.45 7.55 4.75
CA MET A 44 -28.34 6.24 4.11
C MET A 44 -29.58 5.43 4.43
N TYR A 45 -30.06 4.69 3.44
CA TYR A 45 -31.31 3.95 3.58
C TYR A 45 -31.09 2.65 4.33
N SER A 46 -32.19 2.09 4.85
CA SER A 46 -32.14 0.84 5.58
C SER A 46 -31.97 -0.34 4.61
N VAL A 47 -31.89 -1.53 5.17
CA VAL A 47 -31.72 -2.74 4.38
C VAL A 47 -33.08 -3.34 4.08
N LEU A 48 -33.13 -4.19 3.05
CA LEU A 48 -34.36 -4.86 2.68
C LEU A 48 -34.78 -5.82 3.79
N PRO A 49 -36.08 -6.15 3.87
CA PRO A 49 -36.53 -7.08 4.91
C PRO A 49 -35.98 -8.49 4.76
N GLU A 50 -35.39 -8.83 3.62
CA GLU A 50 -34.79 -10.14 3.40
C GLU A 50 -33.26 -10.12 3.51
N ASP A 51 -32.71 -9.08 4.12
CA ASP A 51 -31.27 -8.96 4.30
C ASP A 51 -30.86 -8.80 5.76
N ARG A 52 -31.78 -9.02 6.69
CA ARG A 52 -31.44 -8.94 8.10
C ARG A 52 -30.57 -10.13 8.51
N SER A 53 -29.89 -9.98 9.65
CA SER A 53 -29.02 -11.05 10.13
C SER A 53 -29.83 -12.23 10.66
N GLN A 54 -30.90 -11.95 11.39
CA GLN A 54 -31.71 -13.03 11.97
C GLN A 54 -32.41 -13.84 10.89
N HIS A 55 -32.71 -13.23 9.74
CA HIS A 55 -33.36 -13.97 8.67
C HIS A 55 -32.35 -14.79 7.87
N LEU A 56 -31.16 -14.24 7.64
CA LEU A 56 -30.14 -14.94 6.86
C LEU A 56 -29.40 -16.01 7.66
N GLY A 57 -29.44 -15.94 8.99
CA GLY A 57 -28.69 -16.89 9.79
C GLY A 57 -29.47 -18.12 10.21
N GLU A 58 -30.75 -17.95 10.51
CA GLU A 58 -31.54 -19.06 11.06
C GLU A 58 -31.75 -20.17 10.03
N GLU A 59 -32.00 -19.80 8.77
CA GLU A 59 -32.23 -20.82 7.75
C GLU A 59 -30.94 -21.62 7.49
N LEU A 60 -29.80 -20.94 7.44
CA LEU A 60 -28.54 -21.65 7.25
C LEU A 60 -28.21 -22.53 8.47
N GLN A 61 -28.54 -22.04 9.66
CA GLN A 61 -28.32 -22.86 10.86
C GLN A 61 -29.20 -24.11 10.84
N GLY A 62 -30.45 -23.97 10.39
CA GLY A 62 -31.31 -25.15 10.27
C GLY A 62 -30.81 -26.12 9.22
N PHE A 63 -30.36 -25.62 8.08
CA PHE A 63 -29.80 -26.49 7.05
C PHE A 63 -28.57 -27.23 7.57
N TRP A 64 -27.69 -26.53 8.29
CA TRP A 64 -26.50 -27.16 8.82
C TRP A 64 -26.85 -28.20 9.89
N ASP A 65 -27.83 -27.89 10.74
CA ASP A 65 -28.25 -28.84 11.77
C ASP A 65 -28.87 -30.09 11.15
N LYS A 66 -29.59 -29.94 10.04
CA LYS A 66 -30.12 -31.11 9.34
C LYS A 66 -29.01 -31.92 8.69
N GLU A 67 -28.05 -31.23 8.07
CA GLU A 67 -26.97 -31.93 7.37
C GLU A 67 -26.08 -32.68 8.34
N VAL A 68 -25.83 -32.12 9.53
CA VAL A 68 -25.01 -32.81 10.52
C VAL A 68 -25.64 -34.14 10.91
N LEU A 69 -26.95 -34.13 11.18
CA LEU A 69 -27.63 -35.37 11.54
C LEU A 69 -27.66 -36.34 10.37
N ARG A 70 -27.89 -35.84 9.15
CA ARG A 70 -27.96 -36.71 7.98
C ARG A 70 -26.61 -37.38 7.72
N ALA A 71 -25.51 -36.67 7.97
CA ALA A 71 -24.18 -37.22 7.75
C ALA A 71 -23.62 -37.94 8.97
N GLU A 72 -24.27 -37.83 10.12
CA GLU A 72 -23.83 -38.56 11.30
C GLU A 72 -24.58 -39.88 11.46
N ASN A 73 -25.85 -39.95 11.07
CA ASN A 73 -26.58 -41.20 11.14
C ASN A 73 -25.93 -42.27 10.25
N ASP A 74 -25.57 -41.89 9.03
CA ASP A 74 -24.77 -42.76 8.18
C ASP A 74 -23.30 -42.45 8.40
N ALA A 75 -22.46 -43.49 8.40
CA ALA A 75 -21.07 -43.37 8.83
C ALA A 75 -20.23 -42.69 7.76
N GLN A 76 -20.36 -41.37 7.67
CA GLN A 76 -19.46 -40.53 6.90
C GLN A 76 -19.16 -39.28 7.72
N LYS A 77 -18.53 -38.29 7.07
CA LYS A 77 -18.15 -37.04 7.69
C LYS A 77 -19.13 -35.93 7.33
N PRO A 78 -19.44 -35.03 8.28
CA PRO A 78 -20.33 -33.90 7.95
C PRO A 78 -19.60 -32.88 7.09
N SER A 79 -20.30 -32.39 6.07
CA SER A 79 -19.76 -31.43 5.12
C SER A 79 -20.54 -30.13 5.18
N LEU A 80 -19.83 -29.01 5.03
CA LEU A 80 -20.46 -27.69 5.03
C LEU A 80 -20.64 -27.13 3.62
N THR A 81 -19.85 -27.60 2.65
CA THR A 81 -19.99 -27.11 1.28
C THR A 81 -21.33 -27.48 0.67
N ARG A 82 -21.93 -28.59 1.10
CA ARG A 82 -23.23 -28.98 0.56
C ARG A 82 -24.36 -28.14 1.11
N ALA A 83 -24.21 -27.60 2.33
CA ALA A 83 -25.26 -26.80 2.94
C ALA A 83 -25.43 -25.44 2.28
N ILE A 84 -24.51 -25.03 1.43
CA ILE A 84 -24.62 -23.79 0.67
C ILE A 84 -25.24 -24.01 -0.69
N ILE A 85 -24.89 -25.14 -1.33
CA ILE A 85 -25.51 -25.51 -2.59
C ILE A 85 -26.93 -25.99 -2.39
N LYS A 86 -27.27 -26.46 -1.19
CA LYS A 86 -28.66 -26.80 -0.89
C LYS A 86 -29.54 -25.58 -0.74
N CYS A 87 -28.95 -24.38 -0.72
CA CYS A 87 -29.69 -23.14 -0.52
C CYS A 87 -29.64 -22.19 -1.71
N TYR A 88 -28.47 -21.99 -2.30
CA TYR A 88 -28.29 -20.97 -3.33
C TYR A 88 -28.24 -21.53 -4.75
N TRP A 89 -28.51 -22.83 -4.92
CA TRP A 89 -28.44 -23.42 -6.25
C TRP A 89 -29.48 -22.83 -7.18
N LYS A 90 -30.71 -22.64 -6.69
CA LYS A 90 -31.76 -22.06 -7.53
C LYS A 90 -31.38 -20.67 -8.01
N SER A 91 -30.94 -19.82 -7.08
CA SER A 91 -30.55 -18.46 -7.43
C SER A 91 -29.41 -18.45 -8.43
N TYR A 92 -28.38 -19.28 -8.20
CA TYR A 92 -27.23 -19.22 -9.09
C TYR A 92 -27.57 -19.75 -10.49
N LEU A 93 -28.35 -20.84 -10.58
CA LEU A 93 -28.70 -21.33 -11.91
C LEU A 93 -29.69 -20.42 -12.61
N VAL A 94 -30.49 -19.64 -11.87
CA VAL A 94 -31.33 -18.65 -12.51
C VAL A 94 -30.47 -17.50 -13.05
N LEU A 95 -29.45 -17.09 -12.29
CA LEU A 95 -28.56 -16.04 -12.76
C LEU A 95 -27.73 -16.49 -13.95
N GLY A 96 -27.41 -17.78 -14.04
CA GLY A 96 -26.57 -18.28 -15.11
C GLY A 96 -27.16 -18.14 -16.50
N ILE A 97 -28.48 -17.94 -16.60
CA ILE A 97 -29.11 -17.77 -17.90
C ILE A 97 -28.59 -16.52 -18.60
N PHE A 98 -28.52 -15.41 -17.87
CA PHE A 98 -28.01 -14.18 -18.46
C PHE A 98 -26.52 -14.29 -18.76
N THR A 99 -25.78 -15.06 -17.96
CA THR A 99 -24.38 -15.30 -18.26
C THR A 99 -24.22 -16.03 -19.59
N LEU A 100 -25.01 -17.07 -19.81
CA LEU A 100 -24.98 -17.77 -21.09
C LEU A 100 -25.38 -16.85 -22.24
N ILE A 101 -26.40 -16.00 -22.01
CA ILE A 101 -26.87 -15.10 -23.05
C ILE A 101 -25.77 -14.11 -23.45
N GLU A 102 -25.16 -13.46 -22.45
CA GLU A 102 -24.11 -12.48 -22.73
C GLU A 102 -22.81 -13.11 -23.18
N GLU A 103 -22.61 -14.41 -22.94
CA GLU A 103 -21.44 -15.08 -23.51
C GLU A 103 -21.68 -15.49 -24.96
N SER A 104 -22.92 -15.83 -25.31
CA SER A 104 -23.24 -16.12 -26.71
C SER A 104 -23.35 -14.85 -27.54
N ALA A 105 -23.66 -13.71 -26.91
CA ALA A 105 -23.79 -12.47 -27.64
C ALA A 105 -22.45 -11.90 -28.10
N LYS A 106 -21.34 -12.30 -27.46
CA LYS A 106 -20.02 -11.79 -27.81
C LYS A 106 -19.41 -12.50 -29.01
N VAL A 107 -20.12 -13.44 -29.62
CA VAL A 107 -19.61 -14.15 -30.78
C VAL A 107 -20.30 -13.74 -32.08
N ILE A 108 -21.52 -13.21 -32.02
CA ILE A 108 -22.24 -12.82 -33.23
C ILE A 108 -21.70 -11.53 -33.82
N GLN A 109 -21.06 -10.67 -33.02
CA GLN A 109 -20.57 -9.40 -33.54
C GLN A 109 -19.54 -9.55 -34.65
N PRO A 110 -18.48 -10.38 -34.53
CA PRO A 110 -17.54 -10.51 -35.64
C PRO A 110 -18.14 -11.19 -36.86
N ILE A 111 -19.24 -11.93 -36.70
CA ILE A 111 -19.88 -12.56 -37.85
C ILE A 111 -20.59 -11.53 -38.71
N PHE A 112 -21.29 -10.59 -38.09
CA PHE A 112 -21.98 -9.52 -38.81
C PHE A 112 -21.07 -8.34 -39.13
N LEU A 113 -19.86 -8.30 -38.53
CA LEU A 113 -18.90 -7.26 -38.92
C LEU A 113 -18.36 -7.51 -40.31
N GLY A 114 -18.13 -8.77 -40.67
CA GLY A 114 -17.63 -9.14 -41.97
C GLY A 114 -18.64 -9.07 -43.09
N LYS A 115 -19.91 -8.85 -42.79
CA LYS A 115 -20.94 -8.72 -43.82
C LYS A 115 -21.13 -7.30 -44.31
N ILE A 116 -20.62 -6.31 -43.56
CA ILE A 116 -20.69 -4.93 -44.03
C ILE A 116 -19.54 -4.63 -44.98
N ILE A 117 -18.35 -5.16 -44.69
CA ILE A 117 -17.21 -4.97 -45.57
C ILE A 117 -17.44 -5.66 -46.91
N ASN A 118 -18.16 -6.78 -46.91
CA ASN A 118 -18.47 -7.47 -48.15
C ASN A 118 -19.36 -6.62 -49.06
N TYR A 119 -20.13 -5.68 -48.49
CA TYR A 119 -20.91 -4.77 -49.33
C TYR A 119 -20.00 -3.78 -50.05
N PHE A 120 -18.95 -3.30 -49.37
CA PHE A 120 -18.02 -2.38 -50.01
C PHE A 120 -17.12 -3.10 -51.00
N GLU A 121 -16.85 -4.39 -50.77
CA GLU A 121 -16.02 -5.15 -51.71
C GLU A 121 -16.71 -5.35 -53.05
N ASN A 122 -18.04 -5.42 -53.05
CA ASN A 122 -18.85 -5.55 -54.27
C ASN A 122 -19.81 -4.38 -54.29
N TYR A 123 -19.36 -3.25 -54.84
CA TYR A 123 -20.11 -2.00 -54.82
C TYR A 123 -20.58 -1.64 -56.21
N ASP A 124 -21.83 -1.17 -56.30
CA ASP A 124 -22.42 -0.68 -57.53
C ASP A 124 -23.27 0.53 -57.20
N PRO A 125 -22.94 1.72 -57.73
CA PRO A 125 -23.66 2.94 -57.33
C PRO A 125 -25.15 2.92 -57.65
N MET A 126 -25.61 2.04 -58.54
CA MET A 126 -27.02 1.93 -58.88
C MET A 126 -27.51 0.57 -58.40
N ASP A 127 -27.91 0.52 -57.12
CA ASP A 127 -28.44 -0.70 -56.53
C ASP A 127 -29.15 -0.33 -55.24
N SER A 128 -30.43 -0.65 -55.14
CA SER A 128 -31.22 -0.31 -53.96
C SER A 128 -31.62 -1.52 -53.13
N VAL A 129 -31.21 -2.72 -53.53
CA VAL A 129 -31.57 -3.92 -52.79
C VAL A 129 -30.52 -4.29 -51.75
N ALA A 130 -29.24 -4.05 -52.04
CA ALA A 130 -28.17 -4.37 -51.10
C ALA A 130 -28.00 -3.33 -50.01
N LEU A 131 -28.40 -2.08 -50.27
CA LEU A 131 -28.28 -1.06 -49.23
C LEU A 131 -29.21 -1.34 -48.07
N ASN A 132 -30.43 -1.82 -48.35
CA ASN A 132 -31.34 -2.17 -47.27
C ASN A 132 -30.83 -3.36 -46.47
N THR A 133 -30.21 -4.33 -47.14
CA THR A 133 -29.63 -5.46 -46.43
C THR A 133 -28.46 -5.02 -45.55
N ALA A 134 -27.64 -4.08 -46.05
CA ALA A 134 -26.56 -3.55 -45.23
C ALA A 134 -27.10 -2.78 -44.03
N TYR A 135 -28.19 -2.03 -44.22
CA TYR A 135 -28.81 -1.33 -43.11
C TYR A 135 -29.36 -2.31 -42.07
N ALA A 136 -29.94 -3.41 -42.54
CA ALA A 136 -30.44 -4.43 -41.61
C ALA A 136 -29.29 -5.08 -40.84
N TYR A 137 -28.18 -5.36 -41.53
CA TYR A 137 -27.01 -5.90 -40.84
C TYR A 137 -26.48 -4.94 -39.79
N ALA A 138 -26.42 -3.66 -40.13
CA ALA A 138 -25.98 -2.65 -39.15
C ALA A 138 -26.93 -2.56 -37.97
N THR A 139 -28.24 -2.64 -38.22
CA THR A 139 -29.21 -2.60 -37.13
C THR A 139 -29.07 -3.81 -36.23
N VAL A 140 -28.81 -4.98 -36.80
CA VAL A 140 -28.61 -6.18 -35.98
C VAL A 140 -27.33 -6.06 -35.17
N LEU A 141 -26.26 -5.51 -35.76
CA LEU A 141 -25.02 -5.33 -35.03
C LEU A 141 -25.12 -4.25 -33.96
N THR A 142 -26.04 -3.31 -34.11
CA THR A 142 -26.17 -2.16 -33.22
C THR A 142 -26.92 -2.52 -31.93
N PHE A 143 -27.26 -3.78 -31.73
CA PHE A 143 -28.00 -4.20 -30.54
C PHE A 143 -27.21 -5.09 -29.60
N CYS A 144 -26.24 -5.84 -30.11
CA CYS A 144 -25.38 -6.63 -29.22
C CYS A 144 -24.57 -5.72 -28.30
N THR A 145 -24.13 -4.58 -28.81
CA THR A 145 -23.41 -3.62 -27.97
C THR A 145 -24.30 -3.09 -26.86
N LEU A 146 -25.56 -2.76 -27.17
CA LEU A 146 -26.48 -2.29 -26.15
C LEU A 146 -26.76 -3.38 -25.12
N ILE A 147 -26.90 -4.63 -25.57
CA ILE A 147 -27.13 -5.73 -24.64
C ILE A 147 -25.94 -5.90 -23.71
N LEU A 148 -24.72 -5.78 -24.25
CA LEU A 148 -23.53 -5.96 -23.42
C LEU A 148 -23.26 -4.78 -22.51
N ALA A 149 -23.74 -3.58 -22.88
CA ALA A 149 -23.41 -2.38 -22.15
C ALA A 149 -24.45 -1.94 -21.13
N ILE A 150 -25.73 -2.21 -21.38
CA ILE A 150 -26.81 -1.70 -20.54
C ILE A 150 -27.33 -2.75 -19.57
N LEU A 151 -27.65 -3.94 -20.07
CA LEU A 151 -28.27 -4.98 -19.25
C LEU A 151 -27.28 -5.74 -18.39
N HIS A 152 -26.00 -5.38 -18.41
CA HIS A 152 -24.98 -6.10 -17.66
C HIS A 152 -24.83 -5.62 -16.22
N HIS A 153 -25.07 -4.33 -15.97
CA HIS A 153 -24.81 -3.75 -14.67
C HIS A 153 -25.86 -4.11 -13.62
N LEU A 154 -26.98 -4.69 -14.01
CA LEU A 154 -27.93 -5.21 -13.05
C LEU A 154 -27.61 -6.65 -12.65
N TYR A 155 -27.27 -7.49 -13.64
CA TYR A 155 -26.80 -8.84 -13.33
C TYR A 155 -25.53 -8.81 -12.51
N PHE A 156 -24.64 -7.84 -12.79
CA PHE A 156 -23.41 -7.72 -12.00
C PHE A 156 -23.73 -7.32 -10.56
N TYR A 157 -24.66 -6.39 -10.37
CA TYR A 157 -25.03 -6.01 -9.01
C TYR A 157 -25.65 -7.19 -8.28
N HIS A 158 -26.47 -7.99 -8.97
CA HIS A 158 -27.09 -9.14 -8.32
C HIS A 158 -26.06 -10.19 -7.93
N VAL A 159 -25.10 -10.49 -8.83
CA VAL A 159 -24.10 -11.48 -8.52
C VAL A 159 -23.12 -10.97 -7.46
N GLN A 160 -22.99 -9.65 -7.32
CA GLN A 160 -22.19 -9.12 -6.22
C GLN A 160 -22.94 -9.19 -4.90
N CYS A 161 -24.25 -8.91 -4.91
CA CYS A 161 -25.05 -8.99 -3.71
C CYS A 161 -25.23 -10.43 -3.23
N ALA A 162 -25.14 -11.41 -4.13
CA ALA A 162 -25.29 -12.81 -3.75
C ALA A 162 -24.20 -13.32 -2.82
N GLY A 163 -23.24 -12.49 -2.43
CA GLY A 163 -22.16 -12.94 -1.56
C GLY A 163 -22.23 -12.38 -0.15
N MET A 164 -22.73 -11.15 -0.01
CA MET A 164 -22.83 -10.55 1.32
C MET A 164 -23.81 -11.31 2.20
N ARG A 165 -24.83 -11.94 1.61
CA ARG A 165 -25.76 -12.75 2.38
C ARG A 165 -25.03 -13.90 3.08
N LEU A 166 -24.21 -14.64 2.31
CA LEU A 166 -23.43 -15.72 2.90
C LEU A 166 -22.41 -15.19 3.89
N ARG A 167 -21.79 -14.03 3.58
CA ARG A 167 -20.79 -13.46 4.48
C ARG A 167 -21.41 -13.11 5.84
N VAL A 168 -22.65 -12.64 5.84
CA VAL A 168 -23.31 -12.31 7.10
C VAL A 168 -23.83 -13.57 7.79
N ALA A 169 -24.34 -14.53 7.02
CA ALA A 169 -24.88 -15.74 7.62
C ALA A 169 -23.79 -16.57 8.29
N MET A 170 -22.57 -16.56 7.74
CA MET A 170 -21.48 -17.28 8.39
C MET A 170 -21.10 -16.62 9.71
N CYS A 171 -20.97 -15.29 9.71
CA CYS A 171 -20.59 -14.58 10.93
C CYS A 171 -21.64 -14.71 12.02
N HIS A 172 -22.92 -14.74 11.64
CA HIS A 172 -23.99 -14.89 12.63
C HIS A 172 -23.84 -16.21 13.40
N MET A 173 -23.72 -17.33 12.69
CA MET A 173 -23.59 -18.61 13.36
C MET A 173 -22.24 -18.75 14.05
N ILE A 174 -21.19 -18.10 13.53
CA ILE A 174 -19.90 -18.12 14.21
C ILE A 174 -20.02 -17.46 15.58
N TYR A 175 -20.63 -16.28 15.65
CA TYR A 175 -20.81 -15.62 16.93
C TYR A 175 -21.77 -16.40 17.84
N ARG A 176 -22.79 -17.04 17.27
CA ARG A 176 -23.68 -17.86 18.08
C ARG A 176 -22.94 -19.02 18.71
N LYS A 177 -22.03 -19.64 17.96
CA LYS A 177 -21.24 -20.75 18.50
C LYS A 177 -20.22 -20.28 19.51
N ALA A 178 -19.69 -19.06 19.32
CA ALA A 178 -18.64 -18.55 20.20
C ALA A 178 -19.10 -18.34 21.63
N LEU A 179 -20.41 -18.43 21.90
CA LEU A 179 -20.94 -18.25 23.25
C LEU A 179 -21.25 -19.57 23.94
N ARG A 180 -21.04 -20.70 23.28
CA ARG A 180 -21.32 -22.01 23.85
C ARG A 180 -20.05 -22.83 24.11
N LEU A 181 -18.88 -22.22 24.00
CA LEU A 181 -17.64 -22.95 24.19
C LEU A 181 -17.42 -23.26 25.67
N SER A 182 -16.87 -24.44 25.94
CA SER A 182 -16.60 -24.86 27.29
C SER A 182 -15.32 -24.20 27.81
N ASN A 183 -15.09 -24.34 29.13
CA ASN A 183 -13.90 -23.78 29.74
C ASN A 183 -12.63 -24.47 29.30
N MET A 184 -12.72 -25.72 28.84
CA MET A 184 -11.53 -26.42 28.35
C MET A 184 -11.25 -26.08 26.89
N ALA A 185 -12.30 -25.92 26.09
CA ALA A 185 -12.11 -25.54 24.69
C ALA A 185 -11.71 -24.09 24.55
N MET A 186 -12.06 -23.24 25.52
CA MET A 186 -11.67 -21.83 25.48
C MET A 186 -10.21 -21.62 25.90
N GLY A 187 -9.65 -22.55 26.68
CA GLY A 187 -8.26 -22.42 27.07
C GLY A 187 -7.30 -22.50 25.90
N LYS A 188 -7.69 -23.18 24.83
CA LYS A 188 -6.86 -23.27 23.64
C LYS A 188 -7.17 -22.15 22.65
N THR A 189 -8.45 -21.92 22.37
CA THR A 189 -8.86 -20.91 21.42
C THR A 189 -8.70 -19.52 22.03
N THR A 190 -7.91 -18.67 21.40
CA THR A 190 -7.72 -17.31 21.87
C THR A 190 -8.68 -16.36 21.16
N THR A 191 -8.82 -15.16 21.73
CA THR A 191 -9.69 -14.15 21.11
C THR A 191 -9.10 -13.63 19.80
N GLY A 192 -7.77 -13.60 19.70
CA GLY A 192 -7.14 -13.12 18.48
C GLY A 192 -7.48 -13.98 17.27
N GLN A 193 -7.40 -15.29 17.42
CA GLN A 193 -7.70 -16.17 16.29
C GLN A 193 -9.18 -16.13 15.94
N ILE A 194 -10.06 -15.90 16.92
CA ILE A 194 -11.48 -15.82 16.63
C ILE A 194 -11.80 -14.55 15.85
N VAL A 195 -11.27 -13.40 16.32
CA VAL A 195 -11.52 -12.16 15.58
C VAL A 195 -10.80 -12.16 14.24
N ASN A 196 -9.75 -12.96 14.07
CA ASN A 196 -9.13 -13.10 12.76
C ASN A 196 -9.99 -13.96 11.83
N LEU A 197 -10.52 -15.06 12.34
CA LEU A 197 -11.45 -15.88 11.56
C LEU A 197 -12.66 -15.06 11.13
N LEU A 198 -13.12 -14.15 11.98
CA LEU A 198 -14.25 -13.30 11.65
C LEU A 198 -13.83 -12.05 10.87
N SER A 199 -12.54 -11.75 10.78
CA SER A 199 -12.07 -10.53 10.13
C SER A 199 -11.37 -10.77 8.80
N ASN A 200 -10.85 -11.97 8.55
CA ASN A 200 -10.10 -12.24 7.33
C ASN A 200 -10.64 -13.42 6.52
N ASP A 201 -11.09 -14.48 7.19
CA ASP A 201 -11.52 -15.67 6.47
C ASP A 201 -12.93 -15.55 5.89
N VAL A 202 -13.76 -14.65 6.42
CA VAL A 202 -15.10 -14.47 5.90
C VAL A 202 -15.20 -13.40 4.83
N ASN A 203 -14.15 -12.60 4.64
CA ASN A 203 -14.16 -11.56 3.62
C ASN A 203 -13.76 -12.08 2.25
N LYS A 204 -13.47 -13.38 2.12
CA LYS A 204 -13.12 -13.99 0.85
C LYS A 204 -14.33 -14.51 0.09
N PHE A 205 -15.54 -14.28 0.59
CA PHE A 205 -16.77 -14.73 -0.06
C PHE A 205 -17.40 -13.67 -0.95
N ASP A 206 -16.79 -12.50 -1.06
CA ASP A 206 -17.35 -11.42 -1.87
C ASP A 206 -16.88 -11.46 -3.32
N GLN A 207 -15.65 -11.91 -3.57
CA GLN A 207 -15.09 -11.94 -4.92
C GLN A 207 -15.10 -13.33 -5.53
N VAL A 208 -15.74 -14.30 -4.87
CA VAL A 208 -15.78 -15.66 -5.42
C VAL A 208 -16.92 -15.81 -6.41
N THR A 209 -18.11 -15.30 -6.07
CA THR A 209 -19.26 -15.43 -6.96
C THR A 209 -19.08 -14.66 -8.26
N VAL A 210 -18.15 -13.70 -8.30
CA VAL A 210 -17.95 -12.93 -9.52
C VAL A 210 -17.16 -13.75 -10.54
N PHE A 211 -16.18 -14.52 -10.07
CA PHE A 211 -15.34 -15.33 -10.95
C PHE A 211 -15.75 -16.80 -10.97
N LEU A 212 -16.94 -17.13 -10.47
CA LEU A 212 -17.37 -18.52 -10.40
C LEU A 212 -17.93 -19.04 -11.71
N HIS A 213 -18.28 -18.15 -12.65
CA HIS A 213 -18.90 -18.56 -13.90
C HIS A 213 -17.92 -18.68 -15.05
N PHE A 214 -16.62 -18.49 -14.80
CA PHE A 214 -15.64 -18.59 -15.88
C PHE A 214 -15.15 -20.01 -16.10
N LEU A 215 -15.22 -20.86 -15.06
CA LEU A 215 -14.69 -22.21 -15.16
C LEU A 215 -15.38 -23.04 -16.23
N TRP A 216 -16.62 -22.72 -16.58
CA TRP A 216 -17.32 -23.40 -17.65
C TRP A 216 -17.57 -22.52 -18.86
N ALA A 217 -17.30 -21.22 -18.78
CA ALA A 217 -17.47 -20.33 -19.92
C ALA A 217 -16.18 -20.10 -20.69
N GLY A 218 -15.03 -20.44 -20.12
CA GLY A 218 -13.76 -20.31 -20.80
C GLY A 218 -13.56 -21.34 -21.88
N PRO A 219 -13.50 -22.62 -21.49
CA PRO A 219 -13.32 -23.69 -22.49
C PRO A 219 -14.42 -23.76 -23.52
N LEU A 220 -15.64 -23.36 -23.19
CA LEU A 220 -16.72 -23.36 -24.18
C LEU A 220 -16.50 -22.28 -25.23
N GLN A 221 -16.19 -21.07 -24.79
CA GLN A 221 -15.95 -19.97 -25.72
C GLN A 221 -14.71 -20.23 -26.58
N ALA A 222 -13.69 -20.86 -25.99
CA ALA A 222 -12.49 -21.20 -26.75
C ALA A 222 -12.82 -22.08 -27.94
N ILE A 223 -13.57 -23.16 -27.70
CA ILE A 223 -13.94 -24.07 -28.78
C ILE A 223 -14.90 -23.40 -29.75
N ALA A 224 -15.82 -22.57 -29.24
CA ALA A 224 -16.77 -21.90 -30.11
C ALA A 224 -16.09 -20.94 -31.07
N VAL A 225 -14.99 -20.31 -30.63
CA VAL A 225 -14.26 -19.43 -31.53
C VAL A 225 -13.33 -20.21 -32.44
N THR A 226 -12.70 -21.28 -31.92
CA THR A 226 -11.81 -22.08 -32.76
C THR A 226 -12.57 -22.76 -33.88
N ALA A 227 -13.86 -23.07 -33.68
CA ALA A 227 -14.65 -23.68 -34.73
C ALA A 227 -15.00 -22.67 -35.83
N LEU A 228 -15.03 -21.38 -35.50
CA LEU A 228 -15.39 -20.38 -36.49
C LEU A 228 -14.22 -19.95 -37.35
N LEU A 229 -12.99 -20.09 -36.83
CA LEU A 229 -11.81 -19.67 -37.60
C LEU A 229 -11.52 -20.63 -38.75
N TRP A 230 -11.95 -21.89 -38.63
CA TRP A 230 -11.68 -22.86 -39.69
C TRP A 230 -12.48 -22.55 -40.95
N MET A 231 -13.64 -21.92 -40.82
CA MET A 231 -14.49 -21.64 -41.98
C MET A 231 -14.01 -20.45 -42.79
N GLU A 232 -13.07 -19.65 -42.28
CA GLU A 232 -12.63 -18.44 -42.94
C GLU A 232 -11.25 -18.56 -43.56
N ILE A 233 -10.24 -18.93 -42.77
CA ILE A 233 -8.86 -18.99 -43.24
C ILE A 233 -8.41 -20.41 -43.53
N GLY A 234 -8.75 -21.36 -42.65
CA GLY A 234 -8.40 -22.75 -42.85
C GLY A 234 -7.48 -23.26 -41.73
N ILE A 235 -6.42 -23.97 -42.12
CA ILE A 235 -5.50 -24.54 -41.14
C ILE A 235 -4.72 -23.47 -40.41
N SER A 236 -4.56 -22.30 -41.05
CA SER A 236 -3.67 -21.26 -40.54
C SER A 236 -4.08 -20.72 -39.19
N CYS A 237 -5.28 -21.08 -38.72
CA CYS A 237 -5.70 -20.62 -37.40
C CYS A 237 -4.96 -21.36 -36.28
N LEU A 238 -4.49 -22.59 -36.56
CA LEU A 238 -3.76 -23.32 -35.53
C LEU A 238 -2.48 -22.60 -35.15
N ALA A 239 -1.80 -22.01 -36.13
CA ALA A 239 -0.60 -21.22 -35.83
C ALA A 239 -0.91 -20.02 -34.96
N GLY A 240 -2.18 -19.62 -34.86
CA GLY A 240 -2.57 -18.55 -33.97
C GLY A 240 -2.96 -19.06 -32.60
N MET A 241 -3.35 -20.33 -32.53
CA MET A 241 -3.73 -20.94 -31.27
C MET A 241 -2.57 -21.64 -30.58
N ALA A 242 -1.50 -21.97 -31.30
CA ALA A 242 -0.35 -22.62 -30.70
C ALA A 242 0.49 -21.66 -29.87
N VAL A 243 0.39 -20.35 -30.11
CA VAL A 243 1.15 -19.37 -29.35
C VAL A 243 0.41 -18.97 -28.08
N LEU A 244 -0.90 -18.77 -28.18
CA LEU A 244 -1.69 -18.35 -27.03
C LEU A 244 -1.60 -19.32 -25.87
N ILE A 245 -1.36 -20.60 -26.14
CA ILE A 245 -1.20 -21.57 -25.05
C ILE A 245 0.15 -21.41 -24.39
N ILE A 246 1.19 -21.10 -25.17
CA ILE A 246 2.54 -20.97 -24.62
C ILE A 246 2.61 -19.86 -23.59
N LEU A 247 1.72 -18.87 -23.68
CA LEU A 247 1.71 -17.78 -22.71
C LEU A 247 1.30 -18.24 -21.32
N LEU A 248 0.70 -19.42 -21.18
CA LEU A 248 0.24 -19.88 -19.88
C LEU A 248 1.38 -20.40 -19.02
N PRO A 249 2.22 -21.34 -19.49
CA PRO A 249 3.33 -21.80 -18.65
C PRO A 249 4.43 -20.77 -18.47
N LEU A 250 4.57 -19.84 -19.42
CA LEU A 250 5.63 -18.85 -19.33
C LEU A 250 5.35 -17.78 -18.29
N GLN A 251 4.09 -17.37 -18.14
CA GLN A 251 3.73 -16.34 -17.17
C GLN A 251 3.60 -16.88 -15.75
N SER A 252 3.53 -18.20 -15.59
CA SER A 252 3.42 -18.80 -14.27
C SER A 252 4.78 -19.18 -13.70
N CYS A 253 5.62 -19.81 -14.52
CA CYS A 253 6.96 -20.21 -14.07
C CYS A 253 7.75 -19.02 -13.55
N PHE A 254 7.83 -17.94 -14.36
CA PHE A 254 8.50 -16.73 -13.91
C PHE A 254 7.87 -16.17 -12.64
N GLY A 255 6.56 -16.41 -12.45
CA GLY A 255 5.94 -16.02 -11.20
C GLY A 255 6.61 -16.67 -10.00
N LYS A 256 6.89 -17.96 -10.09
CA LYS A 256 7.60 -18.65 -9.03
C LYS A 256 9.02 -18.12 -8.85
N LEU A 257 9.55 -17.39 -9.84
CA LEU A 257 10.83 -16.73 -9.71
C LEU A 257 10.71 -15.34 -9.09
N PHE A 258 9.52 -14.74 -9.13
CA PHE A 258 9.35 -13.39 -8.62
C PHE A 258 9.09 -13.38 -7.12
N SER A 259 8.22 -14.28 -6.64
CA SER A 259 7.82 -14.27 -5.24
C SER A 259 9.02 -14.43 -4.31
N SER A 260 9.97 -15.28 -4.69
CA SER A 260 11.19 -15.42 -3.90
C SER A 260 11.92 -14.09 -3.76
N LEU A 261 12.05 -13.36 -4.87
CA LEU A 261 12.70 -12.05 -4.82
C LEU A 261 11.93 -11.07 -3.94
N ARG A 262 10.66 -11.36 -3.69
CA ARG A 262 9.85 -10.53 -2.80
C ARG A 262 10.04 -10.91 -1.34
N SER A 263 10.48 -12.13 -1.05
CA SER A 263 10.59 -12.56 0.34
C SER A 263 11.92 -12.10 0.96
N LYS A 264 13.03 -12.35 0.27
CA LYS A 264 14.34 -12.01 0.83
C LYS A 264 14.45 -10.52 1.14
N THR A 265 13.84 -9.68 0.29
CA THR A 265 13.86 -8.24 0.54
C THR A 265 13.25 -7.90 1.90
N ALA A 266 12.22 -8.64 2.31
CA ALA A 266 11.62 -8.40 3.63
C ALA A 266 12.66 -8.55 4.73
N THR A 267 13.58 -9.50 4.57
CA THR A 267 14.67 -9.69 5.52
C THR A 267 15.52 -8.44 5.68
N PHE A 268 15.67 -7.64 4.62
CA PHE A 268 16.39 -6.38 4.71
C PHE A 268 15.51 -5.21 5.09
N THR A 269 14.18 -5.39 5.08
CA THR A 269 13.26 -4.31 5.37
C THR A 269 12.89 -4.22 6.85
N ASP A 270 12.63 -5.36 7.48
CA ASP A 270 12.21 -5.35 8.88
C ASP A 270 13.35 -4.95 9.80
N ALA A 271 14.52 -5.57 9.64
CA ALA A 271 15.66 -5.33 10.52
C ALA A 271 15.98 -3.84 10.60
N ARG A 272 16.08 -3.17 9.45
CA ARG A 272 16.30 -1.73 9.42
C ARG A 272 15.28 -1.01 10.29
N ILE A 273 13.99 -1.31 10.09
CA ILE A 273 12.95 -0.69 10.91
C ILE A 273 13.22 -0.94 12.39
N ARG A 274 13.64 -2.16 12.74
CA ARG A 274 13.96 -2.46 14.12
C ARG A 274 15.01 -1.49 14.66
N THR A 275 16.06 -1.24 13.87
CA THR A 275 17.08 -0.30 14.29
C THR A 275 16.49 1.07 14.56
N MET A 276 15.53 1.50 13.72
CA MET A 276 14.86 2.78 13.96
C MET A 276 14.16 2.77 15.31
N ASN A 277 13.54 1.65 15.67
CA ASN A 277 12.85 1.57 16.96
C ASN A 277 13.81 1.74 18.13
N GLU A 278 15.11 1.66 17.90
CA GLU A 278 16.10 1.86 18.95
C GLU A 278 16.78 3.22 18.88
N VAL A 279 16.55 4.00 17.82
CA VAL A 279 17.21 5.30 17.69
C VAL A 279 16.21 6.39 18.06
N ILE A 280 14.92 6.13 17.85
CA ILE A 280 13.91 7.12 18.20
C ILE A 280 13.64 7.10 19.70
N THR A 281 13.64 5.92 20.32
CA THR A 281 13.45 5.79 21.76
C THR A 281 14.81 5.90 22.43
N GLY A 282 15.13 7.09 22.94
CA GLY A 282 16.42 7.32 23.56
C GLY A 282 17.23 8.40 22.88
N ILE A 283 16.55 9.37 22.26
CA ILE A 283 17.25 10.49 21.64
C ILE A 283 18.05 11.26 22.68
N ARG A 284 17.50 11.42 23.89
CA ARG A 284 18.16 12.19 24.92
C ARG A 284 19.48 11.56 25.36
N ILE A 285 19.72 10.30 25.04
CA ILE A 285 20.97 9.63 25.37
C ILE A 285 21.93 9.60 24.19
N ILE A 286 21.41 9.32 22.98
CA ILE A 286 22.27 9.30 21.80
C ILE A 286 22.76 10.70 21.48
N LYS A 287 21.87 11.69 21.54
CA LYS A 287 22.27 13.06 21.24
C LYS A 287 23.21 13.62 22.31
N MET A 288 23.07 13.15 23.55
CA MET A 288 23.94 13.63 24.62
C MET A 288 25.33 13.02 24.54
N TYR A 289 25.45 11.79 24.04
CA TYR A 289 26.74 11.13 23.88
C TYR A 289 27.39 11.42 22.53
N ALA A 290 26.71 12.15 21.65
CA ALA A 290 27.20 12.47 20.30
C ALA A 290 27.54 11.20 19.52
N TRP A 291 26.51 10.38 19.33
CA TRP A 291 26.63 9.09 18.65
C TRP A 291 25.65 9.00 17.49
N GLU A 292 25.58 10.06 16.69
CA GLU A 292 24.67 10.09 15.54
C GLU A 292 25.28 9.44 14.31
N LYS A 293 26.58 9.62 14.09
CA LYS A 293 27.22 9.09 12.88
C LYS A 293 27.22 7.56 12.87
N SER A 294 27.34 6.92 14.02
CA SER A 294 27.30 5.46 14.08
C SER A 294 25.98 4.93 13.56
N PHE A 295 24.86 5.44 14.09
CA PHE A 295 23.55 5.00 13.62
C PHE A 295 23.31 5.41 12.18
N SER A 296 23.81 6.57 11.77
CA SER A 296 23.67 6.98 10.37
C SER A 296 24.35 5.98 9.43
N ASN A 297 25.58 5.59 9.75
CA ASN A 297 26.29 4.62 8.91
C ASN A 297 25.65 3.25 8.99
N LEU A 298 25.06 2.89 10.15
CA LEU A 298 24.41 1.60 10.26
C LEU A 298 23.12 1.55 9.44
N ILE A 299 22.41 2.67 9.34
CA ILE A 299 21.17 2.71 8.58
C ILE A 299 21.42 2.85 7.08
N THR A 300 22.46 3.60 6.68
CA THR A 300 22.72 3.86 5.27
C THR A 300 23.04 2.58 4.50
N ASN A 301 23.60 1.56 5.17
CA ASN A 301 24.04 0.37 4.46
C ASN A 301 22.89 -0.55 4.05
N LEU A 302 21.82 -0.58 4.85
CA LEU A 302 20.73 -1.52 4.55
C LEU A 302 19.85 -1.02 3.41
N ARG A 303 19.69 0.30 3.28
CA ARG A 303 18.85 0.85 2.22
C ARG A 303 19.42 0.54 0.84
N LYS A 304 20.76 0.51 0.72
CA LYS A 304 21.37 0.19 -0.57
C LYS A 304 21.04 -1.24 -0.98
N LYS A 305 21.16 -2.19 -0.05
CA LYS A 305 20.81 -3.57 -0.36
C LYS A 305 19.32 -3.72 -0.66
N GLU A 306 18.47 -2.99 0.08
CA GLU A 306 17.04 -3.03 -0.19
C GLU A 306 16.74 -2.54 -1.60
N ILE A 307 17.38 -1.45 -2.03
CA ILE A 307 17.14 -0.92 -3.37
C ILE A 307 17.68 -1.88 -4.43
N SER A 308 18.85 -2.48 -4.17
CA SER A 308 19.42 -3.41 -5.14
C SER A 308 18.55 -4.66 -5.28
N LYS A 309 17.85 -5.06 -4.22
CA LYS A 309 16.93 -6.19 -4.31
C LYS A 309 15.59 -5.80 -4.89
N ILE A 310 15.16 -4.55 -4.74
CA ILE A 310 13.89 -4.11 -5.29
C ILE A 310 13.99 -3.88 -6.79
N LEU A 311 15.17 -3.46 -7.28
CA LEU A 311 15.32 -3.16 -8.70
C LEU A 311 15.06 -4.38 -9.57
N ARG A 312 15.47 -5.56 -9.12
CA ARG A 312 15.29 -6.77 -9.93
C ARG A 312 13.81 -7.12 -10.07
N SER A 313 13.07 -7.08 -8.96
CA SER A 313 11.63 -7.34 -9.03
C SER A 313 10.93 -6.29 -9.87
N SER A 314 11.38 -5.03 -9.79
CA SER A 314 10.79 -3.99 -10.62
C SER A 314 11.03 -4.27 -12.11
N CYS A 315 12.24 -4.71 -12.45
CA CYS A 315 12.53 -5.04 -13.84
C CYS A 315 11.70 -6.22 -14.33
N LEU A 316 11.51 -7.23 -13.47
CA LEU A 316 10.67 -8.37 -13.85
C LEU A 316 9.23 -7.94 -14.07
N ARG A 317 8.69 -7.10 -13.20
CA ARG A 317 7.32 -6.63 -13.38
C ARG A 317 7.19 -5.77 -14.63
N GLY A 318 8.20 -4.95 -14.93
CA GLY A 318 8.18 -4.18 -16.15
C GLY A 318 8.20 -5.04 -17.40
N MET A 319 9.03 -6.10 -17.38
CA MET A 319 9.03 -7.03 -18.50
C MET A 319 7.69 -7.73 -18.65
N ASN A 320 7.06 -8.08 -17.53
CA ASN A 320 5.74 -8.71 -17.59
C ASN A 320 4.72 -7.77 -18.23
N LEU A 321 4.72 -6.50 -17.82
CA LEU A 321 3.78 -5.54 -18.39
C LEU A 321 4.06 -5.30 -19.88
N ALA A 322 5.34 -5.25 -20.25
CA ALA A 322 5.69 -5.06 -21.66
C ALA A 322 5.25 -6.26 -22.50
N SER A 323 5.34 -7.47 -21.94
CA SER A 323 4.86 -8.64 -22.65
C SER A 323 3.33 -8.64 -22.74
N PHE A 324 2.65 -8.13 -21.72
CA PHE A 324 1.20 -8.06 -21.75
C PHE A 324 0.71 -7.00 -22.74
N PHE A 325 1.52 -5.97 -22.99
CA PHE A 325 1.09 -4.88 -23.86
C PHE A 325 1.09 -5.30 -25.33
N SER A 326 2.19 -5.89 -25.81
CA SER A 326 2.38 -6.17 -27.22
C SER A 326 2.26 -7.66 -27.53
N ALA A 327 1.32 -8.35 -26.88
CA ALA A 327 1.06 -9.75 -27.16
C ALA A 327 0.04 -9.96 -28.26
N SER A 328 -0.64 -8.90 -28.69
CA SER A 328 -1.66 -9.00 -29.73
C SER A 328 -1.09 -8.90 -31.13
N LYS A 329 0.22 -8.77 -31.28
CA LYS A 329 0.84 -8.61 -32.59
C LYS A 329 1.56 -9.87 -33.08
N ILE A 330 2.03 -10.73 -32.18
CA ILE A 330 2.75 -11.92 -32.60
C ILE A 330 1.79 -12.94 -33.19
N ILE A 331 0.63 -13.14 -32.55
CA ILE A 331 -0.34 -14.12 -33.03
C ILE A 331 -0.81 -13.77 -34.43
N VAL A 332 -1.21 -12.52 -34.64
CA VAL A 332 -1.71 -12.09 -35.94
C VAL A 332 -0.63 -12.21 -37.01
N PHE A 333 0.58 -11.76 -36.70
CA PHE A 333 1.68 -11.82 -37.65
C PHE A 333 1.96 -13.27 -38.05
N VAL A 334 2.04 -14.17 -37.07
CA VAL A 334 2.35 -15.56 -37.36
C VAL A 334 1.25 -16.19 -38.21
N THR A 335 -0.01 -16.04 -37.79
CA THR A 335 -1.10 -16.69 -38.51
C THR A 335 -1.23 -16.15 -39.92
N PHE A 336 -0.97 -14.85 -40.12
CA PHE A 336 -1.15 -14.30 -41.45
C PHE A 336 0.03 -14.58 -42.37
N THR A 337 1.26 -14.62 -41.84
CA THR A 337 2.36 -15.05 -42.68
C THR A 337 2.23 -16.52 -43.05
N THR A 338 1.67 -17.34 -42.16
CA THR A 338 1.40 -18.73 -42.53
C THR A 338 0.29 -18.84 -43.57
N TYR A 339 -0.75 -18.00 -43.43
CA TYR A 339 -1.84 -18.02 -44.41
C TYR A 339 -1.38 -17.55 -45.78
N VAL A 340 -0.47 -16.58 -45.82
CA VAL A 340 -0.01 -16.05 -47.09
C VAL A 340 1.03 -16.96 -47.74
N LEU A 341 1.90 -17.57 -46.93
CA LEU A 341 2.95 -18.43 -47.49
C LEU A 341 2.40 -19.70 -48.10
N LEU A 342 1.18 -20.10 -47.75
CA LEU A 342 0.62 -21.35 -48.29
C LEU A 342 0.24 -21.21 -49.75
N GLY A 343 -0.18 -20.02 -50.18
CA GLY A 343 -0.52 -19.80 -51.57
C GLY A 343 -1.87 -19.17 -51.79
N SER A 344 -2.48 -18.66 -50.72
CA SER A 344 -3.79 -18.02 -50.82
C SER A 344 -3.64 -16.51 -51.00
N VAL A 345 -4.75 -15.86 -51.31
CA VAL A 345 -4.80 -14.42 -51.56
C VAL A 345 -5.49 -13.75 -50.39
N ILE A 346 -4.95 -12.61 -49.97
CA ILE A 346 -5.45 -11.88 -48.81
C ILE A 346 -6.59 -10.95 -49.24
N THR A 347 -7.62 -10.88 -48.41
CA THR A 347 -8.75 -9.98 -48.62
C THR A 347 -9.07 -9.27 -47.32
N ALA A 348 -9.85 -8.20 -47.42
CA ALA A 348 -10.20 -7.37 -46.27
C ALA A 348 -11.45 -7.84 -45.55
N SER A 349 -11.95 -9.04 -45.88
CA SER A 349 -13.15 -9.55 -45.23
C SER A 349 -12.85 -10.47 -44.05
N ARG A 350 -11.75 -11.21 -44.11
CA ARG A 350 -11.40 -12.14 -43.05
C ARG A 350 -10.37 -11.59 -42.07
N VAL A 351 -9.57 -10.61 -42.50
CA VAL A 351 -8.47 -10.11 -41.68
C VAL A 351 -8.99 -9.55 -40.37
N PHE A 352 -9.88 -8.55 -40.44
CA PHE A 352 -10.37 -7.90 -39.25
C PHE A 352 -11.31 -8.79 -38.44
N VAL A 353 -12.00 -9.73 -39.07
CA VAL A 353 -12.80 -10.69 -38.33
C VAL A 353 -11.91 -11.57 -37.47
N ALA A 354 -10.82 -12.09 -38.06
CA ALA A 354 -9.89 -12.89 -37.28
C ALA A 354 -9.22 -12.06 -36.19
N VAL A 355 -8.92 -10.79 -36.48
CA VAL A 355 -8.33 -9.91 -35.47
C VAL A 355 -9.28 -9.75 -34.29
N THR A 356 -10.56 -9.48 -34.58
CA THR A 356 -11.54 -9.31 -33.50
C THR A 356 -11.70 -10.60 -32.69
N LEU A 357 -11.73 -11.75 -33.37
CA LEU A 357 -11.87 -13.02 -32.65
C LEU A 357 -10.68 -13.28 -31.74
N TYR A 358 -9.46 -13.06 -32.25
CA TYR A 358 -8.27 -13.26 -31.43
C TYR A 358 -8.26 -12.32 -30.24
N GLY A 359 -8.62 -11.05 -30.46
CA GLY A 359 -8.64 -10.09 -29.37
C GLY A 359 -9.70 -10.41 -28.33
N ALA A 360 -10.83 -10.98 -28.75
CA ALA A 360 -11.86 -11.36 -27.79
C ALA A 360 -11.47 -12.62 -27.02
N VAL A 361 -10.69 -13.51 -27.65
CA VAL A 361 -10.31 -14.75 -26.97
C VAL A 361 -9.19 -14.50 -25.98
N ARG A 362 -8.04 -14.00 -26.46
CA ARG A 362 -6.81 -14.05 -25.68
C ARG A 362 -6.94 -13.33 -24.35
N LEU A 363 -7.52 -12.14 -24.35
CA LEU A 363 -7.66 -11.38 -23.11
C LEU A 363 -8.51 -12.14 -22.10
N THR A 364 -9.71 -12.55 -22.53
CA THR A 364 -10.61 -13.31 -21.67
C THR A 364 -9.89 -14.51 -21.06
N VAL A 365 -9.30 -15.35 -21.90
CA VAL A 365 -8.65 -16.57 -21.42
C VAL A 365 -7.56 -16.20 -20.42
N THR A 366 -6.52 -15.50 -20.88
CA THR A 366 -5.32 -15.28 -20.10
C THR A 366 -5.49 -14.29 -18.96
N LEU A 367 -6.68 -13.70 -18.78
CA LEU A 367 -6.88 -12.84 -17.62
C LEU A 367 -7.99 -13.32 -16.70
N PHE A 368 -8.88 -14.22 -17.16
CA PHE A 368 -9.96 -14.68 -16.33
C PHE A 368 -9.83 -16.14 -15.90
N PHE A 369 -9.04 -16.95 -16.60
CA PHE A 369 -8.93 -18.34 -16.19
C PHE A 369 -7.98 -18.54 -15.01
N PRO A 370 -6.77 -17.98 -15.01
CA PRO A 370 -5.84 -18.27 -13.90
C PRO A 370 -6.19 -17.60 -12.58
N SER A 371 -7.29 -16.84 -12.49
CA SER A 371 -7.68 -16.20 -11.24
C SER A 371 -8.85 -16.87 -10.55
N ALA A 372 -9.78 -17.44 -11.31
CA ALA A 372 -10.91 -18.16 -10.70
C ALA A 372 -10.42 -19.34 -9.87
N ILE A 373 -9.35 -20.00 -10.31
CA ILE A 373 -8.82 -21.12 -9.55
C ILE A 373 -8.26 -20.66 -8.22
N GLU A 374 -7.53 -19.54 -8.22
CA GLU A 374 -7.03 -18.97 -6.96
C GLU A 374 -8.17 -18.59 -6.04
N ARG A 375 -9.21 -17.95 -6.58
CA ARG A 375 -10.36 -17.56 -5.77
C ARG A 375 -11.04 -18.78 -5.15
N VAL A 376 -11.25 -19.82 -5.95
CA VAL A 376 -11.91 -21.02 -5.46
C VAL A 376 -11.05 -21.72 -4.40
N SER A 377 -9.73 -21.73 -4.60
CA SER A 377 -8.85 -22.35 -3.61
C SER A 377 -8.90 -21.60 -2.28
N GLU A 378 -8.84 -20.27 -2.33
CA GLU A 378 -8.93 -19.49 -1.10
C GLU A 378 -10.28 -19.71 -0.41
N ALA A 379 -11.36 -19.74 -1.19
CA ALA A 379 -12.67 -19.97 -0.61
C ALA A 379 -12.78 -21.34 0.04
N ILE A 380 -12.22 -22.37 -0.61
CA ILE A 380 -12.28 -23.72 -0.05
C ILE A 380 -11.45 -23.82 1.23
N VAL A 381 -10.29 -23.16 1.26
CA VAL A 381 -9.48 -23.17 2.49
C VAL A 381 -10.24 -22.49 3.62
N SER A 382 -10.85 -21.33 3.35
CA SER A 382 -11.61 -20.64 4.39
C SER A 382 -12.79 -21.47 4.88
N ILE A 383 -13.48 -22.13 3.95
CA ILE A 383 -14.64 -22.95 4.31
C ILE A 383 -14.20 -24.13 5.17
N ARG A 384 -13.07 -24.75 4.81
CA ARG A 384 -12.55 -25.86 5.61
C ARG A 384 -12.19 -25.40 7.02
N ARG A 385 -11.55 -24.23 7.13
CA ARG A 385 -11.23 -23.69 8.46
C ARG A 385 -12.48 -23.46 9.28
N ILE A 386 -13.49 -22.80 8.69
CA ILE A 386 -14.72 -22.49 9.43
C ILE A 386 -15.45 -23.77 9.81
N GLN A 387 -15.40 -24.79 8.95
CA GLN A 387 -16.07 -26.05 9.25
C GLN A 387 -15.37 -26.78 10.39
N THR A 388 -14.04 -26.84 10.37
CA THR A 388 -13.31 -27.47 11.46
C THR A 388 -13.43 -26.68 12.77
N PHE A 389 -13.74 -25.39 12.69
CA PHE A 389 -13.91 -24.62 13.92
C PHE A 389 -15.23 -24.96 14.62
N LEU A 390 -16.30 -25.17 13.84
CA LEU A 390 -17.64 -25.36 14.40
C LEU A 390 -17.92 -26.78 14.85
N LEU A 391 -16.92 -27.66 14.90
CA LEU A 391 -17.14 -29.07 15.21
C LEU A 391 -16.54 -29.48 16.54
N LEU A 392 -16.54 -28.60 17.53
CA LEU A 392 -16.05 -28.92 18.87
C LEU A 392 -17.20 -29.01 19.85
N ASP A 393 -16.94 -29.67 20.98
CA ASP A 393 -17.99 -29.97 21.95
C ASP A 393 -18.46 -28.68 22.64
N GLU A 394 -19.49 -28.83 23.47
CA GLU A 394 -20.11 -27.68 24.13
C GLU A 394 -20.35 -27.93 25.61
N ILE A 395 -21.08 -27.04 26.26
CA ILE A 395 -21.34 -27.11 27.69
C ILE A 395 -22.58 -27.97 27.93
N SER A 396 -22.82 -28.29 29.21
CA SER A 396 -23.98 -29.07 29.62
C SER A 396 -25.30 -28.40 29.19
N VAL A 696 -4.41 17.22 -2.63
CA VAL A 696 -3.28 17.12 -3.54
C VAL A 696 -3.17 18.38 -4.40
N GLY A 697 -2.42 18.28 -5.48
CA GLY A 697 -2.24 19.42 -6.37
C GLY A 697 -1.06 19.18 -7.31
N PHE A 698 -0.86 20.15 -8.20
CA PHE A 698 0.22 20.05 -9.17
C PHE A 698 1.58 20.09 -8.49
N GLN A 699 1.68 20.76 -7.33
CA GLN A 699 2.95 20.82 -6.63
C GLN A 699 3.36 19.45 -6.10
N ALA A 700 2.38 18.66 -5.65
CA ALA A 700 2.67 17.32 -5.14
C ALA A 700 3.21 16.40 -6.22
N TYR A 701 2.83 16.62 -7.48
CA TYR A 701 3.38 15.85 -8.60
C TYR A 701 4.70 16.42 -9.09
N LYS A 702 4.85 17.74 -9.06
CA LYS A 702 6.09 18.35 -9.51
C LYS A 702 7.25 18.02 -8.57
N ASN A 703 7.00 18.06 -7.26
CA ASN A 703 8.04 17.73 -6.29
C ASN A 703 8.37 16.25 -6.28
N TYR A 704 7.50 15.41 -6.82
CA TYR A 704 7.73 13.97 -6.86
C TYR A 704 8.38 13.51 -8.16
N PHE A 705 8.10 14.19 -9.27
CA PHE A 705 8.66 13.80 -10.56
C PHE A 705 10.05 14.41 -10.78
N ARG A 706 10.23 15.69 -10.46
CA ARG A 706 11.49 16.37 -10.73
C ARG A 706 12.63 15.86 -9.87
N ALA A 707 12.35 15.08 -8.82
CA ALA A 707 13.38 14.53 -7.97
C ALA A 707 13.94 13.21 -8.50
N GLY A 708 13.43 12.71 -9.61
CA GLY A 708 13.87 11.44 -10.15
C GLY A 708 14.97 11.55 -11.19
N ALA A 709 14.83 12.50 -12.11
CA ALA A 709 15.81 12.67 -13.17
C ALA A 709 15.71 14.09 -13.70
N HIS A 710 16.63 14.41 -14.63
CA HIS A 710 16.67 15.72 -15.25
C HIS A 710 15.51 15.88 -16.24
N TRP A 711 15.29 17.12 -16.69
CA TRP A 711 14.21 17.36 -17.63
C TRP A 711 14.51 16.88 -19.04
N ILE A 712 15.69 16.30 -19.27
CA ILE A 712 15.97 15.69 -20.57
C ILE A 712 15.40 14.27 -20.63
N VAL A 713 15.47 13.54 -19.51
CA VAL A 713 14.93 12.18 -19.47
C VAL A 713 13.43 12.20 -19.66
N PHE A 714 12.75 13.26 -19.22
CA PHE A 714 11.31 13.33 -19.41
C PHE A 714 10.95 13.50 -20.89
N ILE A 715 11.66 14.38 -21.60
CA ILE A 715 11.43 14.52 -23.03
C ILE A 715 11.77 13.22 -23.75
N PHE A 716 12.83 12.55 -23.31
CA PHE A 716 13.21 11.27 -23.93
C PHE A 716 12.12 10.23 -23.75
N LEU A 717 11.58 10.11 -22.54
CA LEU A 717 10.53 9.11 -22.31
C LEU A 717 9.23 9.50 -22.98
N ILE A 718 8.97 10.79 -23.15
CA ILE A 718 7.78 11.20 -23.91
C ILE A 718 7.92 10.80 -25.37
N LEU A 719 9.09 11.08 -25.97
CA LEU A 719 9.32 10.67 -27.35
C LEU A 719 9.33 9.17 -27.51
N LEU A 720 9.70 8.44 -26.46
CA LEU A 720 9.68 6.98 -26.50
C LEU A 720 8.27 6.42 -26.36
N ASN A 721 7.42 7.08 -25.56
CA ASN A 721 6.04 6.64 -25.41
C ASN A 721 5.21 6.96 -26.64
N THR A 722 5.52 8.06 -27.33
CA THR A 722 4.75 8.51 -28.48
C THR A 722 5.18 7.83 -29.78
N ALA A 723 5.82 6.65 -29.69
CA ALA A 723 6.25 5.94 -30.88
C ALA A 723 5.69 4.52 -30.90
N ALA A 724 5.51 3.94 -29.70
CA ALA A 724 4.98 2.58 -29.61
C ALA A 724 3.56 2.51 -30.17
N GLN A 725 2.72 3.49 -29.85
CA GLN A 725 1.36 3.50 -30.38
C GLN A 725 1.35 3.74 -31.88
N VAL A 726 2.24 4.60 -32.37
CA VAL A 726 2.32 4.83 -33.81
C VAL A 726 2.68 3.54 -34.54
N ALA A 727 3.65 2.79 -34.00
CA ALA A 727 3.99 1.51 -34.61
C ALA A 727 2.84 0.51 -34.51
N TYR A 728 2.15 0.50 -33.36
CA TYR A 728 1.00 -0.39 -33.17
C TYR A 728 -0.07 -0.13 -34.21
N VAL A 729 -0.29 1.14 -34.57
CA VAL A 729 -1.32 1.46 -35.55
C VAL A 729 -0.83 1.20 -36.97
N LEU A 730 0.43 1.52 -37.25
CA LEU A 730 0.95 1.34 -38.60
C LEU A 730 1.04 -0.13 -38.99
N GLN A 731 1.33 -1.01 -38.01
CA GLN A 731 1.40 -2.44 -38.32
C GLN A 731 0.09 -2.96 -38.88
N ASP A 732 -1.04 -2.48 -38.34
CA ASP A 732 -2.34 -2.91 -38.84
C ASP A 732 -2.77 -2.12 -40.06
N TRP A 733 -2.33 -0.86 -40.20
CA TRP A 733 -2.66 -0.11 -41.41
C TRP A 733 -1.98 -0.69 -42.63
N TRP A 734 -0.77 -1.25 -42.47
CA TRP A 734 -0.08 -1.82 -43.61
C TRP A 734 -0.85 -2.98 -44.21
N LEU A 735 -1.56 -3.75 -43.39
CA LEU A 735 -2.32 -4.88 -43.90
C LEU A 735 -3.54 -4.40 -44.71
N SER A 736 -4.19 -3.32 -44.26
CA SER A 736 -5.27 -2.73 -45.03
C SER A 736 -4.75 -2.19 -46.36
N TYR A 737 -3.57 -1.56 -46.34
CA TYR A 737 -2.98 -1.09 -47.59
C TYR A 737 -2.68 -2.25 -48.53
N TRP A 738 -2.15 -3.36 -47.98
CA TRP A 738 -1.90 -4.55 -48.78
C TRP A 738 -3.19 -5.07 -49.42
N ALA A 739 -4.26 -5.14 -48.63
CA ALA A 739 -5.53 -5.63 -49.16
C ALA A 739 -6.06 -4.73 -50.27
N ASN A 740 -5.97 -3.41 -50.06
CA ASN A 740 -6.45 -2.47 -51.07
C ASN A 740 -5.63 -2.56 -52.35
N LYS A 741 -4.31 -2.77 -52.22
CA LYS A 741 -3.47 -2.90 -53.40
C LYS A 741 -3.73 -4.23 -54.12
N GLN A 742 -4.04 -5.29 -53.38
CA GLN A 742 -4.31 -6.58 -54.01
C GLN A 742 -5.65 -6.60 -54.72
N SER A 743 -6.65 -5.93 -54.14
CA SER A 743 -8.00 -5.97 -54.71
C SER A 743 -8.10 -5.27 -56.06
N MET A 744 -7.09 -4.47 -56.43
CA MET A 744 -7.14 -3.70 -57.67
C MET A 744 -6.49 -4.43 -58.84
N LEU A 745 -6.26 -5.74 -58.72
CA LEU A 745 -5.71 -6.50 -59.82
C LEU A 745 -6.82 -6.92 -60.79
N ASN A 746 -6.45 -7.67 -61.83
CA ASN A 746 -7.41 -8.16 -62.80
C ASN A 746 -8.05 -9.46 -62.33
N THR A 756 0.60 -14.36 -63.12
CA THR A 756 -0.28 -13.35 -63.69
C THR A 756 -0.29 -12.09 -62.83
N GLU A 757 0.61 -11.16 -63.16
CA GLU A 757 0.78 -9.88 -62.47
C GLU A 757 0.63 -10.01 -60.96
N LYS A 758 1.33 -10.99 -60.40
CA LYS A 758 1.26 -11.24 -58.97
C LYS A 758 2.08 -10.22 -58.20
N LEU A 759 1.95 -10.25 -56.88
CA LEU A 759 2.66 -9.34 -55.99
C LEU A 759 3.83 -10.08 -55.34
N ASP A 760 5.00 -9.45 -55.34
CA ASP A 760 6.16 -10.05 -54.69
C ASP A 760 6.01 -9.97 -53.17
N LEU A 761 6.37 -11.07 -52.50
CA LEU A 761 6.18 -11.16 -51.06
C LEU A 761 7.30 -10.57 -50.25
N ASN A 762 8.46 -10.28 -50.87
CA ASN A 762 9.61 -9.80 -50.11
C ASN A 762 9.32 -8.47 -49.42
N TRP A 763 8.84 -7.49 -50.18
CA TRP A 763 8.59 -6.15 -49.63
C TRP A 763 7.50 -6.19 -48.57
N TYR A 764 6.36 -6.79 -48.91
CA TYR A 764 5.21 -6.81 -48.00
C TYR A 764 5.48 -7.65 -46.76
N LEU A 765 6.41 -8.61 -46.84
CA LEU A 765 6.74 -9.46 -45.71
C LEU A 765 7.91 -8.93 -44.89
N GLY A 766 8.72 -8.02 -45.45
CA GLY A 766 9.77 -7.41 -44.69
C GLY A 766 9.30 -6.19 -43.92
N ILE A 767 8.46 -5.37 -44.56
CA ILE A 767 7.91 -4.20 -43.88
C ILE A 767 7.08 -4.65 -42.67
N TYR A 768 6.31 -5.74 -42.85
CA TYR A 768 5.47 -6.24 -41.77
C TYR A 768 6.31 -6.72 -40.59
N SER A 769 7.42 -7.42 -40.88
CA SER A 769 8.28 -7.91 -39.81
C SER A 769 8.96 -6.74 -39.09
N GLY A 770 9.41 -5.73 -39.83
CA GLY A 770 10.00 -4.57 -39.19
C GLY A 770 9.03 -3.86 -38.27
N LEU A 771 7.80 -3.66 -38.76
CA LEU A 771 6.78 -3.00 -37.94
C LEU A 771 6.38 -3.86 -36.74
N THR A 772 6.53 -5.18 -36.85
CA THR A 772 6.24 -6.04 -35.71
C THR A 772 7.35 -5.98 -34.66
N VAL A 773 8.61 -5.87 -35.09
CA VAL A 773 9.72 -5.86 -34.13
C VAL A 773 9.81 -4.50 -33.43
N ALA A 774 9.58 -3.41 -34.17
CA ALA A 774 9.68 -2.08 -33.57
C ALA A 774 8.71 -1.91 -32.41
N THR A 775 7.51 -2.50 -32.53
CA THR A 775 6.52 -2.38 -31.48
C THR A 775 7.02 -2.98 -30.17
N VAL A 776 7.57 -4.19 -30.23
CA VAL A 776 8.06 -4.85 -29.02
C VAL A 776 9.23 -4.07 -28.44
N LEU A 777 10.14 -3.60 -29.29
CA LEU A 777 11.30 -2.84 -28.79
C LEU A 777 10.86 -1.58 -28.04
N PHE A 778 10.00 -0.78 -28.67
CA PHE A 778 9.54 0.45 -28.05
C PHE A 778 8.61 0.20 -26.87
N GLY A 779 8.01 -0.98 -26.79
CA GLY A 779 7.20 -1.31 -25.61
C GLY A 779 8.01 -1.74 -24.42
N ILE A 780 9.17 -2.38 -24.65
CA ILE A 780 10.02 -2.76 -23.54
C ILE A 780 10.82 -1.58 -23.01
N ALA A 781 11.36 -0.76 -23.92
CA ALA A 781 12.24 0.32 -23.49
C ALA A 781 11.50 1.32 -22.62
N ARG A 782 10.26 1.67 -22.99
CA ARG A 782 9.48 2.63 -22.22
C ARG A 782 9.23 2.14 -20.81
N SER A 783 8.83 0.88 -20.66
CA SER A 783 8.57 0.32 -19.34
C SER A 783 9.81 0.35 -18.47
N LEU A 784 10.96 -0.08 -19.04
CA LEU A 784 12.20 -0.10 -18.27
C LEU A 784 12.56 1.31 -17.79
N LEU A 785 12.51 2.28 -18.71
CA LEU A 785 12.88 3.64 -18.35
C LEU A 785 11.95 4.22 -17.28
N VAL A 786 10.65 4.00 -17.43
CA VAL A 786 9.69 4.53 -16.47
C VAL A 786 9.93 3.93 -15.09
N PHE A 787 10.15 2.62 -15.02
CA PHE A 787 10.39 1.98 -13.73
C PHE A 787 11.65 2.53 -13.07
N TYR A 788 12.73 2.67 -13.83
CA TYR A 788 13.97 3.21 -13.26
C TYR A 788 13.76 4.63 -12.73
N VAL A 789 13.12 5.48 -13.54
CA VAL A 789 12.95 6.87 -13.15
C VAL A 789 12.07 6.97 -11.91
N LEU A 790 11.06 6.12 -11.79
CA LEU A 790 10.16 6.22 -10.65
C LEU A 790 10.70 5.54 -9.39
N VAL A 791 11.69 4.65 -9.53
CA VAL A 791 12.33 4.11 -8.33
C VAL A 791 13.40 5.07 -7.80
N ASN A 792 14.09 5.76 -8.71
CA ASN A 792 15.10 6.72 -8.27
C ASN A 792 14.52 7.81 -7.37
N SER A 793 13.25 8.15 -7.55
CA SER A 793 12.63 9.19 -6.74
C SER A 793 12.56 8.77 -5.27
N SER A 794 12.02 7.59 -5.01
CA SER A 794 11.98 7.11 -3.62
C SER A 794 13.39 6.94 -3.08
N GLN A 795 14.32 6.45 -3.92
CA GLN A 795 15.69 6.27 -3.47
C GLN A 795 16.30 7.59 -3.00
N THR A 796 15.99 8.69 -3.68
CA THR A 796 16.55 9.98 -3.30
C THR A 796 15.74 10.71 -2.23
N LEU A 797 14.47 10.34 -2.01
CA LEU A 797 13.69 10.96 -0.95
C LEU A 797 13.90 10.30 0.42
N HIS A 798 14.13 8.99 0.47
CA HIS A 798 14.37 8.35 1.77
C HIS A 798 15.55 8.98 2.49
N ASN A 799 16.64 9.25 1.76
CA ASN A 799 17.80 9.90 2.35
C ASN A 799 17.40 11.23 2.99
N LYS A 800 16.90 12.15 2.17
CA LYS A 800 16.47 13.46 2.66
C LYS A 800 15.63 13.34 3.91
N MET A 801 14.67 12.40 3.92
CA MET A 801 13.88 12.17 5.12
C MET A 801 14.77 11.84 6.32
N PHE A 802 15.72 10.93 6.13
CA PHE A 802 16.53 10.46 7.25
C PHE A 802 17.42 11.57 7.80
N GLU A 803 18.19 12.23 6.92
CA GLU A 803 19.07 13.29 7.40
C GLU A 803 18.32 14.56 7.77
N SER A 804 17.02 14.64 7.50
CA SER A 804 16.24 15.74 8.04
C SER A 804 15.65 15.42 9.41
N ILE A 805 15.26 14.17 9.64
CA ILE A 805 14.71 13.83 10.95
C ILE A 805 15.82 13.61 11.97
N LEU A 806 17.03 13.28 11.53
CA LEU A 806 18.11 13.02 12.48
C LEU A 806 18.62 14.28 13.17
N LYS A 807 18.32 15.47 12.65
CA LYS A 807 18.85 16.71 13.20
C LYS A 807 17.78 17.56 13.89
N ALA A 808 16.62 16.98 14.20
CA ALA A 808 15.57 17.73 14.88
C ALA A 808 15.90 17.87 16.37
N PRO A 809 15.51 18.99 16.99
CA PRO A 809 15.77 19.16 18.43
C PRO A 809 14.95 18.22 19.30
N VAL A 810 15.17 18.26 20.61
CA VAL A 810 14.43 17.40 21.52
C VAL A 810 12.99 17.86 21.69
N LEU A 811 12.67 19.09 21.30
CA LEU A 811 11.30 19.58 21.40
C LEU A 811 10.38 18.90 20.40
N PHE A 812 10.93 18.36 19.31
CA PHE A 812 10.11 17.68 18.31
C PHE A 812 9.76 16.26 18.71
N PHE A 813 10.57 15.63 19.55
CA PHE A 813 10.32 14.26 19.98
C PHE A 813 9.47 14.20 21.25
N ASP A 814 9.50 15.25 22.06
CA ASP A 814 8.79 15.28 23.33
C ASP A 814 7.29 15.53 23.18
N ARG A 815 6.80 15.72 21.95
CA ARG A 815 5.39 15.97 21.71
C ARG A 815 4.75 15.05 20.68
N ASN A 816 5.55 14.42 19.82
CA ASN A 816 5.00 13.50 18.82
C ASN A 816 5.21 12.07 19.27
N PRO A 817 4.22 11.20 19.11
CA PRO A 817 4.38 9.81 19.53
C PRO A 817 5.34 9.05 18.62
N ILE A 818 5.93 7.99 19.18
CA ILE A 818 6.88 7.17 18.43
C ILE A 818 6.15 6.35 17.38
N GLY A 819 4.94 5.90 17.70
CA GLY A 819 4.19 5.07 16.77
C GLY A 819 3.88 5.78 15.47
N ARG A 820 3.60 7.08 15.53
CA ARG A 820 3.32 7.84 14.32
C ARG A 820 4.53 7.86 13.40
N ILE A 821 5.71 8.15 13.95
CA ILE A 821 6.92 8.24 13.13
C ILE A 821 7.28 6.89 12.56
N LEU A 822 7.16 5.82 13.36
CA LEU A 822 7.48 4.49 12.86
C LEU A 822 6.49 4.06 11.78
N ASN A 823 5.20 4.35 11.98
CA ASN A 823 4.19 4.02 10.98
C ASN A 823 4.47 4.76 9.68
N ARG A 824 4.84 6.04 9.75
CA ARG A 824 5.26 6.76 8.57
C ARG A 824 6.42 6.05 7.88
N PHE A 825 7.55 5.96 8.58
CA PHE A 825 8.77 5.39 8.01
C PHE A 825 8.55 4.01 7.41
N SER A 826 7.61 3.24 7.95
CA SER A 826 7.35 1.92 7.38
C SER A 826 6.41 2.01 6.17
N LYS A 827 5.16 2.44 6.39
CA LYS A 827 4.15 2.24 5.37
C LYS A 827 4.27 3.24 4.23
N ASP A 828 4.66 4.50 4.52
CA ASP A 828 4.76 5.46 3.43
C ASP A 828 5.90 5.10 2.48
N ILE A 829 7.03 4.64 3.03
CA ILE A 829 8.13 4.21 2.18
C ILE A 829 7.78 2.91 1.46
N GLY A 830 7.03 2.02 2.11
CA GLY A 830 6.58 0.82 1.42
C GLY A 830 5.70 1.13 0.23
N HIS A 831 4.78 2.08 0.39
CA HIS A 831 3.92 2.50 -0.72
C HIS A 831 4.74 3.20 -1.80
N LEU A 832 5.72 4.02 -1.40
CA LEU A 832 6.58 4.68 -2.38
C LEU A 832 7.40 3.68 -3.19
N ASP A 833 7.77 2.55 -2.58
CA ASP A 833 8.65 1.60 -3.24
C ASP A 833 7.92 0.54 -4.04
N ASP A 834 6.75 0.09 -3.59
CA ASP A 834 6.13 -1.11 -4.15
C ASP A 834 5.13 -0.83 -5.26
N LEU A 835 4.05 -0.10 -4.96
CA LEU A 835 2.87 -0.09 -5.83
C LEU A 835 2.73 1.16 -6.69
N LEU A 836 3.59 2.16 -6.51
CA LEU A 836 3.41 3.40 -7.28
C LEU A 836 3.81 3.25 -8.75
N PRO A 837 5.02 2.79 -9.09
CA PRO A 837 5.39 2.76 -10.52
C PRO A 837 4.53 1.83 -11.36
N LEU A 838 4.11 0.69 -10.78
CA LEU A 838 3.25 -0.23 -11.51
C LEU A 838 1.95 0.44 -11.91
N THR A 839 1.27 1.07 -10.95
CA THR A 839 0.00 1.73 -11.24
C THR A 839 0.19 2.90 -12.19
N PHE A 840 1.27 3.67 -12.01
CA PHE A 840 1.53 4.79 -12.91
C PHE A 840 1.70 4.31 -14.35
N LEU A 841 2.52 3.29 -14.56
CA LEU A 841 2.75 2.79 -15.92
C LEU A 841 1.48 2.20 -16.51
N ASP A 842 0.71 1.46 -15.70
CA ASP A 842 -0.54 0.88 -16.21
C ASP A 842 -1.52 1.99 -16.63
N PHE A 843 -1.63 3.03 -15.81
CA PHE A 843 -2.54 4.12 -16.13
C PHE A 843 -2.10 4.86 -17.39
N ILE A 844 -0.80 5.15 -17.50
CA ILE A 844 -0.30 5.84 -18.69
C ILE A 844 -0.53 5.01 -19.95
N GLN A 845 -0.27 3.70 -19.88
CA GLN A 845 -0.46 2.84 -21.05
C GLN A 845 -1.93 2.77 -21.45
N THR A 846 -2.82 2.57 -20.47
CA THR A 846 -4.24 2.49 -20.78
C THR A 846 -4.79 3.82 -21.29
N LEU A 847 -4.20 4.94 -20.86
CA LEU A 847 -4.64 6.23 -21.38
C LEU A 847 -4.15 6.44 -22.80
N LEU A 848 -2.91 6.03 -23.09
CA LEU A 848 -2.39 6.19 -24.45
C LEU A 848 -3.09 5.26 -25.42
N GLN A 849 -3.63 4.14 -24.94
CA GLN A 849 -4.30 3.20 -25.84
C GLN A 849 -5.65 3.72 -26.35
N VAL A 850 -6.18 4.79 -25.77
CA VAL A 850 -7.49 5.30 -26.17
C VAL A 850 -7.37 6.42 -27.21
N VAL A 851 -6.37 7.30 -27.04
CA VAL A 851 -6.16 8.37 -28.00
C VAL A 851 -5.84 7.81 -29.38
N GLY A 852 -5.15 6.68 -29.43
CA GLY A 852 -4.90 6.05 -30.72
C GLY A 852 -6.16 5.61 -31.43
N VAL A 853 -7.08 4.99 -30.69
CA VAL A 853 -8.36 4.56 -31.27
C VAL A 853 -9.15 5.77 -31.74
N VAL A 854 -9.18 6.83 -30.92
CA VAL A 854 -9.93 8.02 -31.29
C VAL A 854 -9.34 8.66 -32.56
N SER A 855 -8.01 8.72 -32.64
CA SER A 855 -7.38 9.31 -33.81
C SER A 855 -7.59 8.47 -35.06
N VAL A 856 -7.55 7.14 -34.91
CA VAL A 856 -7.83 6.26 -36.05
C VAL A 856 -9.26 6.46 -36.53
N ALA A 857 -10.21 6.62 -35.61
CA ALA A 857 -11.59 6.84 -36.00
C ALA A 857 -11.76 8.19 -36.68
N VAL A 858 -11.04 9.22 -36.22
CA VAL A 858 -11.22 10.56 -36.76
C VAL A 858 -10.56 10.68 -38.13
N ALA A 859 -9.38 10.08 -38.30
CA ALA A 859 -8.62 10.26 -39.54
C ALA A 859 -9.30 9.67 -40.76
N VAL A 860 -10.16 8.67 -40.57
CA VAL A 860 -10.86 8.06 -41.70
C VAL A 860 -12.08 8.88 -42.10
N ILE A 861 -12.88 9.30 -41.12
CA ILE A 861 -14.04 10.15 -41.37
C ILE A 861 -13.83 11.44 -40.59
N PRO A 862 -13.44 12.54 -41.23
CA PRO A 862 -13.14 13.78 -40.50
C PRO A 862 -14.38 14.43 -39.88
N TRP A 863 -15.57 13.89 -40.19
CA TRP A 863 -16.81 14.45 -39.66
C TRP A 863 -17.19 13.89 -38.31
N ILE A 864 -16.34 13.09 -37.68
CA ILE A 864 -16.63 12.55 -36.35
C ILE A 864 -15.88 13.36 -35.31
N ALA A 865 -15.53 14.60 -35.67
CA ALA A 865 -14.89 15.50 -34.72
C ALA A 865 -15.86 16.56 -34.19
N ILE A 866 -17.05 16.65 -34.75
CA ILE A 866 -18.06 17.62 -34.30
C ILE A 866 -18.75 17.12 -33.04
N PRO A 867 -19.25 15.86 -32.97
CA PRO A 867 -19.93 15.42 -31.75
C PRO A 867 -18.97 15.00 -30.65
N LEU A 868 -17.68 14.91 -30.98
CA LEU A 868 -16.70 14.47 -29.99
C LEU A 868 -16.56 15.48 -28.85
N VAL A 869 -16.68 16.77 -29.15
CA VAL A 869 -16.57 17.79 -28.11
C VAL A 869 -17.75 17.72 -27.15
N PRO A 870 -19.00 17.64 -27.63
CA PRO A 870 -20.10 17.43 -26.68
C PRO A 870 -20.05 16.09 -25.96
N LEU A 871 -19.50 15.06 -26.59
CA LEU A 871 -19.38 13.76 -25.92
C LEU A 871 -18.28 13.75 -24.87
N GLY A 872 -17.28 14.62 -25.00
CA GLY A 872 -16.19 14.66 -24.04
C GLY A 872 -16.37 15.71 -22.96
N ILE A 873 -17.23 16.69 -23.21
CA ILE A 873 -17.47 17.71 -22.20
C ILE A 873 -18.28 17.15 -21.03
N ILE A 874 -19.22 16.24 -21.31
CA ILE A 874 -20.10 15.73 -20.28
C ILE A 874 -19.33 14.89 -19.26
N PHE A 875 -18.30 14.17 -19.71
CA PHE A 875 -17.58 13.25 -18.83
C PHE A 875 -16.83 14.01 -17.73
N ILE A 876 -16.27 15.17 -18.07
CA ILE A 876 -15.50 15.94 -17.10
C ILE A 876 -16.38 16.38 -15.94
N PHE A 877 -17.62 16.77 -16.24
CA PHE A 877 -18.54 17.15 -15.17
C PHE A 877 -19.11 15.93 -14.46
N LEU A 878 -19.35 14.83 -15.18
CA LEU A 878 -19.94 13.65 -14.57
C LEU A 878 -18.98 13.02 -13.55
N ARG A 879 -17.68 12.97 -13.87
CA ARG A 879 -16.71 12.41 -12.94
C ARG A 879 -16.69 13.18 -11.63
N ARG A 880 -16.70 14.51 -11.71
CA ARG A 880 -16.68 15.33 -10.50
C ARG A 880 -17.99 15.18 -9.72
N TYR A 881 -19.13 15.22 -10.43
CA TYR A 881 -20.42 15.07 -9.76
C TYR A 881 -20.55 13.72 -9.08
N PHE A 882 -19.88 12.69 -9.61
CA PHE A 882 -19.89 11.39 -8.95
C PHE A 882 -18.96 11.37 -7.75
N LEU A 883 -17.72 11.84 -7.92
CA LEU A 883 -16.74 11.76 -6.84
C LEU A 883 -17.15 12.59 -5.63
N GLU A 884 -17.80 13.74 -5.85
CA GLU A 884 -18.18 14.62 -4.76
C GLU A 884 -18.98 13.90 -3.68
N THR A 885 -19.86 12.99 -4.09
CA THR A 885 -20.63 12.20 -3.15
C THR A 885 -20.11 10.78 -2.96
N SER A 886 -19.21 10.31 -3.82
CA SER A 886 -18.63 8.99 -3.66
C SER A 886 -17.43 8.98 -2.73
N ARG A 887 -16.91 10.14 -2.34
CA ARG A 887 -15.74 10.21 -1.46
C ARG A 887 -16.12 10.16 0.03
N ASP A 888 -17.28 9.59 0.37
CA ASP A 888 -17.68 9.42 1.77
C ASP A 888 -18.06 7.99 2.13
N VAL A 889 -18.35 7.13 1.15
CA VAL A 889 -18.81 5.79 1.45
C VAL A 889 -17.71 4.97 2.11
N LYS A 890 -16.44 5.20 1.75
CA LYS A 890 -15.34 4.48 2.40
C LYS A 890 -15.27 4.81 3.88
N ARG A 891 -15.34 6.10 4.21
CA ARG A 891 -15.33 6.52 5.61
C ARG A 891 -16.53 5.96 6.36
N LEU A 892 -17.71 6.01 5.75
CA LEU A 892 -18.89 5.45 6.41
C LEU A 892 -18.73 3.96 6.66
N GLU A 893 -18.22 3.23 5.67
CA GLU A 893 -18.04 1.79 5.81
C GLU A 893 -17.06 1.46 6.93
N SER A 894 -15.94 2.17 6.98
CA SER A 894 -14.95 1.91 8.03
C SER A 894 -15.51 2.22 9.41
N THR A 895 -16.20 3.36 9.53
CA THR A 895 -16.74 3.77 10.81
C THR A 895 -17.86 2.84 11.28
N THR A 896 -18.56 2.20 10.35
CA THR A 896 -19.58 1.23 10.73
C THR A 896 -19.02 -0.17 10.90
N ARG A 897 -17.83 -0.46 10.37
CA ARG A 897 -17.24 -1.78 10.46
C ARG A 897 -16.39 -1.97 11.70
N SER A 898 -15.68 -0.93 12.15
CA SER A 898 -14.82 -1.09 13.32
C SER A 898 -15.57 -1.44 14.61
N PRO A 899 -16.73 -0.85 14.93
CA PRO A 899 -17.37 -1.19 16.21
C PRO A 899 -17.81 -2.64 16.31
N VAL A 900 -18.05 -3.33 15.19
CA VAL A 900 -18.41 -4.74 15.26
C VAL A 900 -17.25 -5.56 15.84
N PHE A 901 -16.05 -5.36 15.28
CA PHE A 901 -14.87 -6.03 15.83
C PHE A 901 -14.59 -5.59 17.25
N SER A 902 -14.80 -4.30 17.55
CA SER A 902 -14.60 -3.82 18.91
C SER A 902 -15.50 -4.57 19.90
N HIS A 903 -16.79 -4.66 19.58
CA HIS A 903 -17.74 -5.32 20.46
C HIS A 903 -17.45 -6.81 20.57
N LEU A 904 -17.06 -7.45 19.45
CA LEU A 904 -16.74 -8.87 19.49
C LEU A 904 -15.53 -9.13 20.39
N SER A 905 -14.50 -8.29 20.30
CA SER A 905 -13.32 -8.49 21.12
C SER A 905 -13.57 -8.15 22.59
N SER A 906 -14.46 -7.19 22.87
CA SER A 906 -14.70 -6.80 24.24
C SER A 906 -15.76 -7.64 24.93
N SER A 907 -16.55 -8.40 24.17
CA SER A 907 -17.64 -9.19 24.75
C SER A 907 -17.20 -10.56 25.21
N LEU A 908 -16.05 -11.06 24.77
CA LEU A 908 -15.61 -12.39 25.16
C LEU A 908 -14.94 -12.42 26.52
N GLN A 909 -14.42 -11.30 27.00
CA GLN A 909 -13.73 -11.28 28.29
C GLN A 909 -14.73 -11.45 29.44
N GLY A 910 -15.67 -10.52 29.56
CA GLY A 910 -16.69 -10.62 30.59
C GLY A 910 -17.80 -11.57 30.23
N LEU A 911 -17.46 -12.84 30.02
CA LEU A 911 -18.43 -13.83 29.59
C LEU A 911 -19.02 -14.63 30.74
N TRP A 912 -18.28 -14.79 31.84
CA TRP A 912 -18.77 -15.56 32.96
C TRP A 912 -19.92 -14.87 33.70
N THR A 913 -20.03 -13.54 33.57
CA THR A 913 -21.15 -12.83 34.16
C THR A 913 -22.41 -12.90 33.31
N ILE A 914 -22.28 -13.21 32.02
CA ILE A 914 -23.44 -13.37 31.16
C ILE A 914 -24.12 -14.73 31.37
N ARG A 915 -23.41 -15.68 31.98
CA ARG A 915 -23.99 -16.98 32.27
C ARG A 915 -24.71 -17.01 33.61
N ALA A 916 -24.34 -16.12 34.54
CA ALA A 916 -25.08 -16.02 35.80
C ALA A 916 -26.53 -15.63 35.55
N TYR A 917 -26.74 -14.43 35.01
CA TYR A 917 -28.07 -14.03 34.53
C TYR A 917 -28.24 -14.58 33.13
N LYS A 918 -29.07 -15.62 32.98
CA LYS A 918 -29.15 -16.36 31.73
C LYS A 918 -29.81 -15.54 30.62
N ALA A 919 -29.10 -14.51 30.15
CA ALA A 919 -29.54 -13.67 29.04
C ALA A 919 -28.45 -13.73 27.98
N GLU A 920 -28.51 -14.74 27.12
CA GLU A 920 -27.55 -14.91 26.04
C GLU A 920 -28.14 -14.58 24.67
N GLU A 921 -29.40 -14.14 24.61
CA GLU A 921 -30.03 -13.75 23.35
C GLU A 921 -30.04 -12.24 23.14
N ARG A 922 -29.93 -11.46 24.21
CA ARG A 922 -29.85 -10.01 24.05
C ARG A 922 -28.56 -9.59 23.37
N CYS A 923 -27.45 -10.26 23.72
CA CYS A 923 -26.18 -9.98 23.04
C CYS A 923 -26.25 -10.32 21.56
N GLN A 924 -27.01 -11.35 21.20
CA GLN A 924 -27.19 -11.67 19.79
C GLN A 924 -27.93 -10.55 19.06
N GLU A 925 -28.98 -10.00 19.69
CA GLU A 925 -29.70 -8.89 19.07
C GLU A 925 -28.82 -7.65 18.97
N LEU A 926 -27.98 -7.40 19.98
CA LEU A 926 -27.06 -6.27 19.91
C LEU A 926 -26.04 -6.46 18.79
N PHE A 927 -25.53 -7.68 18.61
CA PHE A 927 -24.60 -7.95 17.52
C PHE A 927 -25.28 -7.77 16.17
N ASP A 928 -26.53 -8.21 16.04
CA ASP A 928 -27.26 -8.03 14.79
C ASP A 928 -27.48 -6.55 14.50
N ALA A 929 -27.80 -5.77 15.54
CA ALA A 929 -27.99 -4.34 15.36
C ALA A 929 -26.68 -3.65 14.96
N HIS A 930 -25.56 -4.12 15.52
CA HIS A 930 -24.27 -3.56 15.15
C HIS A 930 -23.89 -3.92 13.72
N GLN A 931 -24.28 -5.11 13.25
CA GLN A 931 -23.93 -5.52 11.90
C GLN A 931 -24.86 -4.92 10.85
N ASP A 932 -26.10 -4.57 11.24
CA ASP A 932 -27.02 -3.98 10.28
C ASP A 932 -26.55 -2.62 9.81
N LEU A 933 -25.85 -1.86 10.66
CA LEU A 933 -25.32 -0.57 10.23
C LEU A 933 -24.25 -0.74 9.17
N HIS A 934 -23.34 -1.70 9.36
CA HIS A 934 -22.35 -1.98 8.32
C HIS A 934 -23.00 -2.50 7.06
N SER A 935 -24.07 -3.30 7.19
CA SER A 935 -24.79 -3.75 6.00
C SER A 935 -25.39 -2.58 5.24
N GLU A 936 -25.98 -1.62 5.94
CA GLU A 936 -26.53 -0.43 5.30
C GLU A 936 -25.43 0.37 4.60
N ALA A 937 -24.30 0.55 5.29
CA ALA A 937 -23.19 1.30 4.71
C ALA A 937 -22.57 0.60 3.51
N TRP A 938 -22.64 -0.73 3.46
CA TRP A 938 -22.11 -1.50 2.34
C TRP A 938 -23.09 -1.57 1.17
N PHE A 939 -24.39 -1.49 1.45
CA PHE A 939 -25.38 -1.55 0.37
C PHE A 939 -25.24 -0.37 -0.60
N LEU A 940 -24.83 0.80 -0.11
CA LEU A 940 -24.72 1.97 -0.98
C LEU A 940 -23.48 1.91 -1.87
N PHE A 941 -22.45 1.18 -1.45
CA PHE A 941 -21.21 1.14 -2.21
C PHE A 941 -21.43 0.57 -3.60
N LEU A 942 -22.06 -0.62 -3.68
CA LEU A 942 -22.27 -1.26 -4.97
C LEU A 942 -23.17 -0.42 -5.88
N THR A 943 -24.22 0.17 -5.31
CA THR A 943 -25.15 0.96 -6.12
C THR A 943 -24.47 2.22 -6.66
N THR A 944 -23.70 2.93 -5.81
CA THR A 944 -23.01 4.12 -6.28
C THR A 944 -21.91 3.77 -7.28
N SER A 945 -21.31 2.58 -7.16
CA SER A 945 -20.30 2.18 -8.13
C SER A 945 -20.93 1.80 -9.47
N ARG A 946 -22.14 1.22 -9.45
CA ARG A 946 -22.82 0.85 -10.69
C ARG A 946 -23.55 2.02 -11.33
N TRP A 947 -23.78 3.10 -10.57
CA TRP A 947 -24.50 4.24 -11.13
C TRP A 947 -23.72 4.93 -12.25
N PHE A 948 -22.39 4.83 -12.23
CA PHE A 948 -21.55 5.55 -13.18
C PHE A 948 -21.25 4.75 -14.44
N ALA A 949 -21.13 3.43 -14.31
CA ALA A 949 -20.76 2.59 -15.46
C ALA A 949 -21.82 2.64 -16.54
N VAL A 950 -23.09 2.78 -16.17
CA VAL A 950 -24.15 2.82 -17.17
C VAL A 950 -24.04 4.08 -18.01
N ARG A 951 -23.84 5.24 -17.36
CA ARG A 951 -23.69 6.48 -18.10
C ARG A 951 -22.41 6.49 -18.93
N LEU A 952 -21.37 5.79 -18.48
CA LEU A 952 -20.16 5.71 -19.29
C LEU A 952 -20.37 4.83 -20.52
N ASP A 953 -20.98 3.66 -20.34
CA ASP A 953 -21.22 2.76 -21.46
C ASP A 953 -22.21 3.34 -22.46
N ALA A 954 -23.12 4.21 -22.00
CA ALA A 954 -24.02 4.88 -22.93
C ALA A 954 -23.24 5.66 -23.99
N ILE A 955 -22.27 6.47 -23.54
CA ILE A 955 -21.45 7.23 -24.47
C ILE A 955 -20.55 6.30 -25.29
N CYS A 956 -19.99 5.28 -24.64
CA CYS A 956 -19.11 4.36 -25.36
C CYS A 956 -19.84 3.64 -26.48
N ALA A 957 -21.14 3.38 -26.32
CA ALA A 957 -21.92 2.73 -27.36
C ALA A 957 -22.45 3.72 -28.40
N MET A 958 -22.80 4.93 -27.97
CA MET A 958 -23.21 5.96 -28.93
C MET A 958 -22.08 6.27 -29.91
N PHE A 959 -20.83 6.25 -29.43
CA PHE A 959 -19.69 6.45 -30.33
C PHE A 959 -19.68 5.41 -31.43
N VAL A 960 -19.84 4.13 -31.07
CA VAL A 960 -19.82 3.06 -32.06
C VAL A 960 -20.99 3.18 -33.02
N ILE A 961 -22.18 3.53 -32.50
CA ILE A 961 -23.35 3.69 -33.36
C ILE A 961 -23.09 4.79 -34.40
N ILE A 962 -22.58 5.94 -33.93
CA ILE A 962 -22.31 7.06 -34.83
C ILE A 962 -21.28 6.65 -35.88
N VAL A 963 -20.21 5.99 -35.46
CA VAL A 963 -19.16 5.58 -36.39
C VAL A 963 -19.74 4.68 -37.47
N ALA A 964 -20.46 3.62 -37.06
CA ALA A 964 -20.98 2.65 -38.01
C ALA A 964 -21.94 3.30 -38.99
N PHE A 965 -22.90 4.08 -38.49
CA PHE A 965 -23.91 4.64 -39.40
C PHE A 965 -23.33 5.71 -40.30
N GLY A 966 -22.47 6.60 -39.76
CA GLY A 966 -21.84 7.60 -40.60
C GLY A 966 -20.91 7.01 -41.64
N SER A 967 -20.31 5.85 -41.34
CA SER A 967 -19.47 5.19 -42.33
C SER A 967 -20.32 4.51 -43.39
N LEU A 968 -21.48 3.97 -43.01
CA LEU A 968 -22.33 3.30 -43.99
C LEU A 968 -23.00 4.30 -44.93
N ILE A 969 -23.36 5.48 -44.41
CA ILE A 969 -24.06 6.46 -45.25
C ILE A 969 -23.13 7.23 -46.17
N LEU A 970 -21.84 6.90 -46.19
CA LEU A 970 -20.86 7.52 -47.07
C LEU A 970 -20.15 6.47 -47.90
N ALA A 971 -20.92 5.57 -48.50
CA ALA A 971 -20.39 4.41 -49.21
C ALA A 971 -19.84 4.73 -50.59
N LYS A 972 -19.78 6.01 -50.97
CA LYS A 972 -19.27 6.39 -52.28
C LYS A 972 -17.85 6.95 -52.22
N THR A 973 -17.38 7.36 -51.05
CA THR A 973 -16.06 7.97 -50.92
C THR A 973 -15.00 7.00 -50.44
N LEU A 974 -15.31 6.17 -49.45
CA LEU A 974 -14.32 5.31 -48.80
C LEU A 974 -14.31 3.92 -49.44
N ASP A 975 -13.41 3.07 -48.96
CA ASP A 975 -13.26 1.72 -49.50
C ASP A 975 -13.38 0.68 -48.38
N ALA A 976 -13.18 -0.60 -48.73
CA ALA A 976 -13.41 -1.68 -47.77
C ALA A 976 -12.33 -1.76 -46.70
N GLY A 977 -11.06 -1.56 -47.09
CA GLY A 977 -9.98 -1.70 -46.13
C GLY A 977 -10.09 -0.73 -44.97
N GLN A 978 -10.32 0.55 -45.28
CA GLN A 978 -10.33 1.56 -44.23
C GLN A 978 -11.62 1.53 -43.41
N VAL A 979 -12.75 1.14 -44.02
CA VAL A 979 -13.96 0.99 -43.20
C VAL A 979 -13.80 -0.19 -42.25
N GLY A 980 -13.20 -1.29 -42.71
CA GLY A 980 -12.91 -2.38 -41.81
C GLY A 980 -11.95 -1.99 -40.70
N LEU A 981 -10.93 -1.21 -41.05
CA LEU A 981 -9.96 -0.74 -40.05
C LEU A 981 -10.64 0.12 -38.99
N ALA A 982 -11.50 1.05 -39.42
CA ALA A 982 -12.16 1.93 -38.46
C ALA A 982 -13.21 1.19 -37.64
N LEU A 983 -13.82 0.15 -38.21
CA LEU A 983 -14.84 -0.60 -37.48
C LEU A 983 -14.23 -1.61 -36.51
N SER A 984 -13.02 -2.08 -36.78
CA SER A 984 -12.42 -3.09 -35.91
C SER A 984 -11.83 -2.51 -34.63
N TYR A 985 -11.62 -1.20 -34.56
CA TYR A 985 -11.08 -0.58 -33.35
C TYR A 985 -12.17 -0.07 -32.41
N ALA A 986 -13.32 0.34 -32.95
CA ALA A 986 -14.37 0.91 -32.12
C ALA A 986 -14.99 -0.10 -31.17
N LEU A 987 -14.80 -1.40 -31.42
CA LEU A 987 -15.39 -2.43 -30.59
C LEU A 987 -14.52 -2.81 -29.40
N THR A 988 -13.46 -2.05 -29.11
CA THR A 988 -12.56 -2.37 -28.01
C THR A 988 -12.38 -1.21 -27.04
N LEU A 989 -13.25 -0.19 -27.08
CA LEU A 989 -13.07 0.99 -26.24
C LEU A 989 -13.68 0.81 -24.85
N MET A 990 -14.71 -0.03 -24.73
CA MET A 990 -15.49 -0.08 -23.50
C MET A 990 -14.67 -0.56 -22.31
N GLY A 991 -13.76 -1.50 -22.52
CA GLY A 991 -12.96 -2.03 -21.43
C GLY A 991 -11.79 -1.14 -21.06
N MET A 992 -11.07 -0.66 -22.07
CA MET A 992 -9.92 0.20 -21.80
C MET A 992 -10.35 1.53 -21.19
N PHE A 993 -11.48 2.08 -21.61
CA PHE A 993 -11.96 3.31 -20.99
C PHE A 993 -12.26 3.10 -19.50
N GLN A 994 -12.93 1.99 -19.18
CA GLN A 994 -13.23 1.70 -17.78
C GLN A 994 -11.95 1.51 -16.96
N TRP A 995 -10.97 0.79 -17.53
CA TRP A 995 -9.72 0.58 -16.80
C TRP A 995 -8.97 1.88 -16.58
N CYS A 996 -8.93 2.74 -17.60
CA CYS A 996 -8.24 4.03 -17.47
C CYS A 996 -8.94 4.93 -16.46
N VAL A 997 -10.27 4.89 -16.42
CA VAL A 997 -10.99 5.68 -15.42
C VAL A 997 -10.76 5.11 -14.03
N ARG A 998 -10.60 3.79 -13.92
CA ARG A 998 -10.45 3.17 -12.60
C ARG A 998 -9.07 3.43 -12.01
N GLN A 999 -8.02 3.37 -12.83
CA GLN A 999 -6.66 3.46 -12.29
C GLN A 999 -6.37 4.81 -11.62
N SER A 1000 -6.96 5.89 -12.14
CA SER A 1000 -6.72 7.21 -11.57
C SER A 1000 -7.19 7.27 -10.12
N ALA A 1001 -8.23 6.51 -9.78
CA ALA A 1001 -8.72 6.50 -8.40
C ALA A 1001 -7.64 6.02 -7.44
N GLU A 1002 -7.03 4.87 -7.73
CA GLU A 1002 -5.97 4.37 -6.87
C GLU A 1002 -4.75 5.29 -6.89
N VAL A 1003 -4.45 5.88 -8.06
CA VAL A 1003 -3.31 6.80 -8.15
C VAL A 1003 -3.49 7.95 -7.17
N GLU A 1004 -4.63 8.65 -7.27
CA GLU A 1004 -4.89 9.79 -6.40
C GLU A 1004 -5.15 9.37 -4.96
N ASN A 1005 -5.48 8.10 -4.72
CA ASN A 1005 -5.66 7.63 -3.36
C ASN A 1005 -4.32 7.40 -2.67
N MET A 1006 -3.35 6.84 -3.40
CA MET A 1006 -2.04 6.56 -2.82
C MET A 1006 -1.07 7.72 -2.95
N MET A 1007 -1.43 8.80 -3.66
CA MET A 1007 -0.59 9.98 -3.64
C MET A 1007 -0.58 10.68 -2.28
N ILE A 1008 -1.50 10.34 -1.38
CA ILE A 1008 -1.54 10.99 -0.08
C ILE A 1008 -0.30 10.62 0.74
N SER A 1009 0.16 9.37 0.62
CA SER A 1009 1.39 8.97 1.31
C SER A 1009 2.58 9.76 0.79
N VAL A 1010 2.64 9.99 -0.53
CA VAL A 1010 3.70 10.80 -1.09
C VAL A 1010 3.64 12.23 -0.52
N GLU A 1011 2.44 12.79 -0.49
CA GLU A 1011 2.29 14.16 -0.01
C GLU A 1011 2.71 14.28 1.45
N ARG A 1012 2.37 13.29 2.28
CA ARG A 1012 2.79 13.34 3.68
C ARG A 1012 4.25 12.98 3.86
N VAL A 1013 4.88 12.32 2.88
CA VAL A 1013 6.32 12.13 2.89
C VAL A 1013 7.02 13.46 2.64
N ILE A 1014 6.56 14.21 1.64
CA ILE A 1014 7.14 15.52 1.35
C ILE A 1014 6.86 16.53 2.47
N GLU A 1015 5.94 16.22 3.39
CA GLU A 1015 5.71 17.09 4.54
C GLU A 1015 6.98 17.24 5.37
N TYR A 1016 7.77 16.18 5.45
CA TYR A 1016 9.06 16.22 6.13
C TYR A 1016 10.12 16.84 5.22
N THR A 1017 11.39 16.65 5.57
CA THR A 1017 12.55 17.13 4.83
C THR A 1017 12.70 18.65 4.93
N ASP A 1018 11.78 19.30 5.63
CA ASP A 1018 11.90 20.72 5.97
C ASP A 1018 11.31 20.93 7.36
N LEU A 1019 12.17 20.85 8.38
CA LEU A 1019 11.72 20.99 9.76
C LEU A 1019 12.63 21.96 10.51
N GLU A 1020 12.44 22.07 11.82
CA GLU A 1020 13.32 22.90 12.62
C GLU A 1020 14.73 22.32 12.67
N LYS A 1021 15.69 23.18 12.94
CA LYS A 1021 17.09 22.77 12.95
C LYS A 1021 17.83 23.55 14.02
N GLU A 1022 18.63 22.85 14.83
CA GLU A 1022 19.44 23.48 15.86
C GLU A 1022 20.69 24.08 15.20
N ALA A 1023 21.63 24.54 16.03
CA ALA A 1023 22.87 25.08 15.51
C ALA A 1023 23.66 23.98 14.79
N PRO A 1024 24.47 24.34 13.80
CA PRO A 1024 25.30 23.33 13.12
C PRO A 1024 26.23 22.61 14.09
N TRP A 1025 26.69 21.44 13.66
CA TRP A 1025 27.40 20.55 14.56
C TRP A 1025 28.74 21.12 15.01
N GLU A 1026 29.40 21.89 14.14
CA GLU A 1026 30.69 22.47 14.48
C GLU A 1026 30.96 23.68 13.62
N TYR A 1027 31.76 24.60 14.16
CA TYR A 1027 32.22 25.79 13.46
C TYR A 1027 33.71 25.65 13.17
N GLN A 1028 34.29 26.73 12.63
CA GLN A 1028 35.73 26.85 12.53
C GLN A 1028 36.36 27.41 13.81
N LYS A 1029 35.55 27.76 14.80
CA LYS A 1029 36.03 28.24 16.09
C LYS A 1029 36.54 27.04 16.89
N ARG A 1030 37.75 26.60 16.54
CA ARG A 1030 38.25 25.40 17.19
C ARG A 1030 38.81 25.73 18.58
N PRO A 1031 38.40 24.98 19.59
CA PRO A 1031 38.95 25.19 20.94
C PRO A 1031 40.35 24.59 21.04
N PRO A 1032 41.12 24.96 22.06
CA PRO A 1032 42.43 24.37 22.22
C PRO A 1032 42.34 22.88 22.45
N PRO A 1033 43.35 22.11 22.04
CA PRO A 1033 43.30 20.65 22.22
C PRO A 1033 43.34 20.22 23.68
N ALA A 1034 43.66 21.11 24.61
CA ALA A 1034 43.69 20.83 26.04
C ALA A 1034 42.82 21.82 26.79
N TRP A 1035 41.60 22.03 26.29
CA TRP A 1035 40.72 23.04 26.87
C TRP A 1035 40.23 22.65 28.27
N PRO A 1036 39.59 21.48 28.49
CA PRO A 1036 39.05 21.19 29.82
C PRO A 1036 40.12 20.72 30.81
N HIS A 1037 41.08 21.60 31.10
CA HIS A 1037 42.15 21.25 32.03
C HIS A 1037 41.75 21.50 33.49
N GLU A 1038 40.83 22.42 33.73
CA GLU A 1038 40.38 22.72 35.09
C GLU A 1038 38.90 23.05 35.06
N GLY A 1039 38.16 22.58 36.06
CA GLY A 1039 36.72 22.80 36.08
C GLY A 1039 36.30 24.08 36.76
N VAL A 1040 36.02 25.11 35.98
CA VAL A 1040 35.52 26.39 36.48
C VAL A 1040 34.29 26.75 35.66
N ILE A 1041 33.13 26.69 36.30
CA ILE A 1041 31.85 26.95 35.65
C ILE A 1041 31.18 28.10 36.38
N ILE A 1042 31.08 29.25 35.73
CA ILE A 1042 30.43 30.41 36.32
C ILE A 1042 28.99 30.46 35.84
N PHE A 1043 28.19 31.32 36.47
CA PHE A 1043 26.80 31.46 36.12
C PHE A 1043 26.36 32.91 36.30
N ASP A 1044 25.22 33.24 35.71
CA ASP A 1044 24.54 34.50 35.97
C ASP A 1044 23.05 34.24 35.95
N ASN A 1045 22.27 35.31 36.00
CA ASN A 1045 20.81 35.19 36.11
C ASN A 1045 20.19 34.72 34.80
N VAL A 1046 20.14 33.40 34.59
CA VAL A 1046 19.66 32.81 33.36
C VAL A 1046 18.21 32.36 33.54
N ASN A 1047 17.39 32.60 32.53
CA ASN A 1047 16.00 32.17 32.53
C ASN A 1047 15.76 31.21 31.37
N PHE A 1048 15.05 30.12 31.67
CA PHE A 1048 14.90 29.02 30.74
C PHE A 1048 13.44 28.81 30.36
N MET A 1049 13.22 28.47 29.09
CA MET A 1049 11.89 28.13 28.59
C MET A 1049 12.06 27.05 27.53
N TYR A 1050 11.44 25.89 27.74
CA TYR A 1050 11.43 24.85 26.71
C TYR A 1050 10.87 25.39 25.40
N SER A 1051 9.63 25.86 25.44
CA SER A 1051 9.08 26.59 24.30
C SER A 1051 9.38 28.08 24.45
N PRO A 1052 9.63 28.78 23.35
CA PRO A 1052 10.02 30.20 23.44
C PRO A 1052 8.95 31.09 24.05
N GLY A 1053 7.73 30.60 24.26
CA GLY A 1053 6.68 31.43 24.80
C GLY A 1053 5.83 30.75 25.85
N GLY A 1054 6.39 29.74 26.52
CA GLY A 1054 5.69 29.05 27.57
C GLY A 1054 6.15 29.48 28.96
N PRO A 1055 5.81 28.69 29.96
CA PRO A 1055 6.22 29.01 31.34
C PRO A 1055 7.69 28.65 31.58
N LEU A 1056 8.16 29.00 32.78
CA LEU A 1056 9.51 28.70 33.21
C LEU A 1056 9.54 27.41 34.01
N VAL A 1057 10.73 26.84 34.14
CA VAL A 1057 10.94 25.66 34.97
C VAL A 1057 12.06 25.96 35.96
N LEU A 1058 12.73 27.10 35.76
CA LEU A 1058 13.92 27.44 36.54
C LEU A 1058 14.13 28.95 36.46
N LYS A 1059 14.76 29.51 37.49
CA LYS A 1059 14.93 30.96 37.59
C LYS A 1059 16.31 31.32 38.12
N HIS A 1060 17.20 31.74 37.22
CA HIS A 1060 18.32 32.60 37.56
C HIS A 1060 19.27 31.95 38.57
N LEU A 1061 19.93 30.86 38.14
CA LEU A 1061 21.00 30.22 38.91
C LEU A 1061 22.27 31.04 38.72
N THR A 1062 22.68 31.77 39.76
CA THR A 1062 23.89 32.59 39.72
C THR A 1062 24.90 32.04 40.71
N ALA A 1063 25.96 31.40 40.20
CA ALA A 1063 27.01 30.86 41.06
C ALA A 1063 28.28 30.70 40.23
N LEU A 1064 29.30 30.11 40.86
CA LEU A 1064 30.55 29.81 40.17
C LEU A 1064 31.24 28.67 40.91
N ILE A 1065 31.53 27.59 40.21
CA ILE A 1065 32.06 26.36 40.80
C ILE A 1065 33.57 26.36 40.65
N LYS A 1066 34.28 26.08 41.74
CA LYS A 1066 35.73 26.03 41.73
C LYS A 1066 36.23 24.73 41.12
N SER A 1067 37.54 24.67 40.90
CA SER A 1067 38.16 23.46 40.39
C SER A 1067 38.48 22.49 41.52
N GLN A 1068 38.45 21.20 41.22
CA GLN A 1068 38.55 20.14 42.21
C GLN A 1068 37.55 20.37 43.35
N GLU A 1069 36.29 20.53 42.97
CA GLU A 1069 35.22 20.81 43.94
C GLU A 1069 34.07 19.86 43.69
N LYS A 1070 33.61 19.21 44.76
CA LYS A 1070 32.50 18.26 44.69
C LYS A 1070 31.24 18.99 45.13
N VAL A 1071 30.55 19.58 44.16
CA VAL A 1071 29.38 20.41 44.42
C VAL A 1071 28.12 19.55 44.33
N GLY A 1072 27.22 19.72 45.28
CA GLY A 1072 25.96 19.00 45.28
C GLY A 1072 24.79 19.95 45.38
N ILE A 1073 23.63 19.48 44.90
CA ILE A 1073 22.41 20.27 44.90
C ILE A 1073 21.34 19.50 45.66
N VAL A 1074 20.64 20.20 46.56
CA VAL A 1074 19.59 19.62 47.39
C VAL A 1074 18.27 20.24 46.96
N GLY A 1075 17.30 19.40 46.61
CA GLY A 1075 15.99 19.89 46.22
C GLY A 1075 15.02 18.74 46.04
N ARG A 1076 13.74 19.08 46.09
CA ARG A 1076 12.67 18.11 45.92
C ARG A 1076 12.24 18.09 44.46
N THR A 1077 11.83 16.91 43.99
CA THR A 1077 11.51 16.72 42.58
C THR A 1077 10.36 17.64 42.16
N GLY A 1078 10.61 18.46 41.14
CA GLY A 1078 9.59 19.32 40.58
C GLY A 1078 9.86 20.81 40.70
N ALA A 1079 10.94 21.23 41.36
CA ALA A 1079 11.22 22.65 41.57
C ALA A 1079 12.34 23.15 40.66
N GLY A 1080 12.54 22.49 39.52
CA GLY A 1080 13.59 22.88 38.61
C GLY A 1080 14.93 22.24 38.88
N LYS A 1081 14.94 21.04 39.46
CA LYS A 1081 16.19 20.35 39.77
C LYS A 1081 16.70 19.51 38.62
N SER A 1082 15.79 18.95 37.82
CA SER A 1082 16.16 18.07 36.72
C SER A 1082 16.31 18.82 35.40
N SER A 1083 16.44 20.14 35.43
CA SER A 1083 16.59 20.94 34.23
C SER A 1083 17.97 21.56 34.07
N LEU A 1084 18.84 21.45 35.08
CA LEU A 1084 20.17 22.04 34.98
C LEU A 1084 21.05 21.26 34.01
N ILE A 1085 20.84 19.95 33.89
CA ILE A 1085 21.61 19.16 32.93
C ILE A 1085 21.28 19.57 31.50
N SER A 1086 20.12 20.17 31.29
CA SER A 1086 19.74 20.67 29.97
C SER A 1086 20.28 22.07 29.69
N ALA A 1087 21.06 22.64 30.60
CA ALA A 1087 21.62 23.97 30.42
C ALA A 1087 23.02 23.94 29.83
N LEU A 1088 23.95 23.30 30.53
CA LEU A 1088 25.34 23.23 30.07
C LEU A 1088 25.52 22.21 28.95
N PHE A 1089 24.51 21.38 28.69
CA PHE A 1089 24.48 20.54 27.50
C PHE A 1089 23.76 21.21 26.33
N ARG A 1090 23.27 22.43 26.53
CA ARG A 1090 22.56 23.23 25.53
C ARG A 1090 21.62 22.39 24.66
N LEU A 1091 20.75 21.64 25.32
CA LEU A 1091 19.71 20.92 24.59
C LEU A 1091 18.65 21.89 24.05
N SER A 1092 18.50 23.04 24.68
CA SER A 1092 17.63 24.12 24.20
C SER A 1092 18.35 25.43 24.49
N GLU A 1093 19.00 25.98 23.45
CA GLU A 1093 19.93 27.11 23.58
C GLU A 1093 19.26 28.30 24.26
N PRO A 1094 19.61 28.59 25.51
CA PRO A 1094 18.97 29.67 26.24
C PRO A 1094 19.75 30.98 26.16
N GLU A 1095 19.20 32.00 26.81
CA GLU A 1095 19.94 33.23 27.07
C GLU A 1095 20.69 33.11 28.39
N GLY A 1096 21.85 33.75 28.45
CA GLY A 1096 22.71 33.68 29.62
C GLY A 1096 24.10 33.18 29.28
N LYS A 1097 25.11 34.00 29.51
CA LYS A 1097 26.45 33.72 29.01
C LYS A 1097 27.21 32.89 30.05
N ILE A 1098 27.59 31.68 29.68
CA ILE A 1098 28.24 30.74 30.59
C ILE A 1098 29.70 30.61 30.18
N TRP A 1099 30.61 31.13 31.00
CA TRP A 1099 32.04 31.01 30.74
C TRP A 1099 32.57 29.70 31.30
N ILE A 1100 33.38 29.02 30.49
CA ILE A 1100 34.06 27.79 30.90
C ILE A 1100 35.45 27.78 30.27
N ASP A 1101 36.48 28.05 31.07
CA ASP A 1101 37.88 27.92 30.65
C ASP A 1101 38.17 28.77 29.40
N LYS A 1102 38.04 30.08 29.58
CA LYS A 1102 38.41 31.11 28.61
C LYS A 1102 37.49 31.15 27.40
N ILE A 1103 36.56 30.21 27.25
CA ILE A 1103 35.66 30.15 26.11
C ILE A 1103 34.24 29.90 26.60
N LEU A 1104 33.28 30.18 25.72
CA LEU A 1104 31.88 30.21 26.11
C LEU A 1104 31.21 28.89 25.73
N THR A 1105 29.88 28.83 25.85
CA THR A 1105 29.12 27.64 25.51
C THR A 1105 28.13 27.88 24.37
N THR A 1106 28.26 29.00 23.66
CA THR A 1106 27.33 29.36 22.60
C THR A 1106 27.95 29.42 21.22
N GLU A 1107 29.14 30.00 21.09
CA GLU A 1107 29.81 30.13 19.81
C GLU A 1107 30.63 28.89 19.43
N ILE A 1108 30.34 27.74 20.03
CA ILE A 1108 31.04 26.49 19.73
C ILE A 1108 30.00 25.47 19.27
N GLY A 1109 30.40 24.60 18.33
CA GLY A 1109 29.50 23.59 17.84
C GLY A 1109 29.03 22.65 18.92
N LEU A 1110 27.95 21.92 18.60
CA LEU A 1110 27.33 21.05 19.59
C LEU A 1110 28.18 19.81 19.87
N HIS A 1111 28.91 19.32 18.87
CA HIS A 1111 29.69 18.10 19.05
C HIS A 1111 30.91 18.34 19.93
N ASP A 1112 31.67 19.39 19.65
CA ASP A 1112 32.87 19.67 20.45
C ASP A 1112 32.55 20.20 21.83
N LEU A 1113 31.28 20.31 22.22
CA LEU A 1113 30.89 20.70 23.56
C LEU A 1113 30.34 19.55 24.38
N ARG A 1114 29.55 18.65 23.78
CA ARG A 1114 29.04 17.49 24.48
C ARG A 1114 30.04 16.33 24.53
N LYS A 1115 31.02 16.32 23.62
CA LYS A 1115 32.02 15.26 23.64
C LYS A 1115 33.02 15.43 24.77
N LYS A 1116 33.38 16.67 25.10
CA LYS A 1116 34.30 16.95 26.19
C LYS A 1116 33.61 16.96 27.55
N MET A 1117 32.40 16.41 27.65
CA MET A 1117 31.67 16.32 28.91
C MET A 1117 31.13 14.91 29.08
N SER A 1118 31.06 14.47 30.34
CA SER A 1118 30.58 13.14 30.67
C SER A 1118 29.24 13.24 31.39
N ILE A 1119 28.46 12.16 31.30
CA ILE A 1119 27.14 12.11 31.89
C ILE A 1119 26.84 10.68 32.33
N ILE A 1120 26.18 10.55 33.47
CA ILE A 1120 25.69 9.26 33.97
C ILE A 1120 24.17 9.30 33.92
N PRO A 1121 23.54 8.56 33.01
CA PRO A 1121 22.08 8.64 32.86
C PRO A 1121 21.36 8.03 34.05
N GLN A 1122 20.07 8.35 34.14
CA GLN A 1122 19.25 7.84 35.22
C GLN A 1122 18.98 6.35 35.06
N GLU A 1123 18.39 5.96 33.94
CA GLU A 1123 18.08 4.57 33.65
C GLU A 1123 18.97 4.11 32.51
N PRO A 1124 19.77 3.05 32.69
CA PRO A 1124 20.74 2.68 31.67
C PRO A 1124 20.08 2.08 30.44
N VAL A 1125 20.69 2.33 29.28
CA VAL A 1125 20.18 1.85 28.00
C VAL A 1125 21.30 1.09 27.28
N LEU A 1126 20.93 -0.01 26.63
CA LEU A 1126 21.87 -0.82 25.86
C LEU A 1126 21.28 -1.09 24.49
N PHE A 1127 22.14 -1.05 23.47
CA PHE A 1127 21.72 -1.23 22.08
C PHE A 1127 22.07 -2.63 21.60
N THR A 1128 21.32 -3.09 20.59
CA THR A 1128 21.51 -4.44 20.07
C THR A 1128 22.80 -4.54 19.28
N GLY A 1129 23.86 -5.00 19.93
CA GLY A 1129 25.13 -5.15 19.27
C GLY A 1129 26.11 -5.92 20.13
N THR A 1130 27.40 -5.72 19.85
CA THR A 1130 28.45 -6.39 20.58
C THR A 1130 28.86 -5.56 21.80
N MET A 1131 29.40 -6.25 22.80
CA MET A 1131 29.91 -5.57 23.99
C MET A 1131 31.11 -4.67 23.67
N ARG A 1132 31.86 -5.00 22.61
CA ARG A 1132 32.97 -4.15 22.20
C ARG A 1132 32.49 -2.85 21.58
N LYS A 1133 31.32 -2.87 20.93
CA LYS A 1133 30.78 -1.66 20.30
C LYS A 1133 29.95 -0.82 21.26
N ASN A 1134 29.24 -1.45 22.20
CA ASN A 1134 28.43 -0.69 23.15
C ASN A 1134 29.27 0.21 24.03
N LEU A 1135 30.50 -0.20 24.35
CA LEU A 1135 31.40 0.62 25.17
C LEU A 1135 32.28 1.54 24.34
N ASP A 1136 32.40 1.31 23.04
CA ASP A 1136 33.29 2.10 22.21
C ASP A 1136 32.87 1.99 20.75
N PRO A 1137 31.95 2.84 20.28
CA PRO A 1137 31.56 2.77 18.85
C PRO A 1137 32.65 3.27 17.92
N PHE A 1138 33.26 4.41 18.23
CA PHE A 1138 34.36 4.95 17.44
C PHE A 1138 35.67 4.50 18.06
N ASN A 1139 36.42 3.67 17.34
CA ASN A 1139 37.62 3.04 17.88
C ASN A 1139 38.71 4.09 18.06
N GLU A 1140 39.01 4.41 19.32
CA GLU A 1140 40.07 5.36 19.65
C GLU A 1140 41.03 4.81 20.70
N HIS A 1141 40.96 3.51 21.00
CA HIS A 1141 41.78 2.92 22.05
C HIS A 1141 42.34 1.59 21.53
N THR A 1142 43.12 0.92 22.38
CA THR A 1142 43.69 -0.38 22.06
C THR A 1142 42.82 -1.49 22.65
N ASP A 1143 43.33 -2.72 22.59
CA ASP A 1143 42.56 -3.87 23.02
C ASP A 1143 42.58 -4.03 24.54
N GLU A 1144 43.78 -4.04 25.14
CA GLU A 1144 43.91 -4.37 26.55
C GLU A 1144 43.27 -3.33 27.47
N GLU A 1145 43.12 -2.09 27.01
CA GLU A 1145 42.50 -1.07 27.86
C GLU A 1145 41.03 -1.36 28.12
N LEU A 1146 40.35 -2.02 27.19
CA LEU A 1146 38.97 -2.41 27.42
C LEU A 1146 38.88 -3.44 28.55
N TRP A 1147 39.73 -4.46 28.52
CA TRP A 1147 39.78 -5.43 29.61
C TRP A 1147 40.15 -4.75 30.92
N ASN A 1148 41.09 -3.80 30.88
CA ASN A 1148 41.48 -3.08 32.08
C ASN A 1148 40.31 -2.32 32.68
N ALA A 1149 39.59 -1.57 31.85
CA ALA A 1149 38.48 -0.76 32.37
C ALA A 1149 37.31 -1.62 32.80
N LEU A 1150 37.12 -2.79 32.18
CA LEU A 1150 36.01 -3.65 32.56
C LEU A 1150 36.32 -4.47 33.80
N GLN A 1151 37.58 -4.80 34.07
CA GLN A 1151 37.92 -5.50 35.30
C GLN A 1151 38.07 -4.51 36.46
N GLU A 1152 38.49 -3.28 36.15
CA GLU A 1152 38.60 -2.26 37.19
C GLU A 1152 37.25 -2.00 37.83
N VAL A 1153 36.16 -2.24 37.10
CA VAL A 1153 34.81 -2.12 37.63
C VAL A 1153 34.29 -3.45 38.16
N GLN A 1154 35.13 -4.48 38.16
CA GLN A 1154 34.90 -5.77 38.81
C GLN A 1154 33.67 -6.49 38.24
N LEU A 1155 33.77 -6.82 36.95
CA LEU A 1155 32.89 -7.80 36.31
C LEU A 1155 33.66 -8.49 35.20
N LYS A 1156 34.13 -9.70 35.46
CA LYS A 1156 34.61 -10.59 34.41
C LYS A 1156 34.04 -12.00 34.56
N GLU A 1157 33.00 -12.18 35.36
CA GLU A 1157 32.32 -13.47 35.44
C GLU A 1157 31.52 -13.72 34.16
N THR A 1158 30.60 -12.80 33.85
CA THR A 1158 29.65 -13.02 32.77
C THR A 1158 30.33 -13.22 31.43
N ILE A 1159 31.47 -12.56 31.19
CA ILE A 1159 32.11 -12.66 29.89
C ILE A 1159 32.53 -14.10 29.60
N GLU A 1160 33.39 -14.68 30.44
CA GLU A 1160 33.88 -16.02 30.18
C GLU A 1160 32.87 -17.10 30.55
N ASP A 1161 31.85 -16.77 31.35
CA ASP A 1161 30.71 -17.67 31.45
C ASP A 1161 30.01 -17.83 30.11
N LEU A 1162 30.09 -16.80 29.25
CA LEU A 1162 29.63 -16.87 27.89
C LEU A 1162 30.77 -17.24 26.95
N PRO A 1163 30.48 -17.85 25.80
CA PRO A 1163 31.56 -18.26 24.88
C PRO A 1163 32.33 -17.10 24.28
N GLY A 1164 31.64 -16.19 23.60
CA GLY A 1164 32.34 -15.17 22.82
C GLY A 1164 33.05 -14.14 23.66
N LYS A 1165 32.36 -13.59 24.67
CA LYS A 1165 32.86 -12.67 25.69
C LYS A 1165 33.45 -11.39 25.12
N MET A 1166 33.45 -11.23 23.80
CA MET A 1166 33.79 -9.96 23.17
C MET A 1166 32.83 -9.52 22.09
N ASP A 1167 32.12 -10.42 21.42
CA ASP A 1167 31.18 -10.06 20.36
C ASP A 1167 29.82 -10.70 20.59
N THR A 1168 29.38 -10.75 21.84
CA THR A 1168 28.10 -11.38 22.18
C THR A 1168 26.97 -10.40 21.87
N GLU A 1169 26.15 -10.74 20.87
CA GLU A 1169 25.03 -9.90 20.51
C GLU A 1169 23.94 -9.98 21.58
N LEU A 1170 23.19 -8.89 21.72
CA LEU A 1170 22.08 -8.83 22.66
C LEU A 1170 20.76 -9.02 21.91
N ALA A 1171 19.66 -8.98 22.64
CA ALA A 1171 18.34 -9.16 22.06
C ALA A 1171 17.30 -8.46 22.90
N GLU A 1172 16.45 -7.67 22.24
CA GLU A 1172 15.32 -6.98 22.87
C GLU A 1172 15.78 -6.17 24.09
N SER A 1173 16.60 -5.15 23.81
CA SER A 1173 17.09 -4.20 24.80
C SER A 1173 17.94 -4.88 25.87
N GLY A 1174 18.54 -6.02 25.56
CA GLY A 1174 19.39 -6.73 26.49
C GLY A 1174 18.69 -7.11 27.77
N SER A 1175 17.54 -7.77 27.67
CA SER A 1175 16.79 -8.19 28.85
C SER A 1175 17.49 -9.29 29.62
N ASN A 1176 18.53 -9.91 29.05
CA ASN A 1176 19.29 -10.93 29.77
C ASN A 1176 20.06 -10.37 30.94
N PHE A 1177 20.19 -9.05 31.04
CA PHE A 1177 20.91 -8.41 32.13
C PHE A 1177 19.93 -7.68 33.05
N SER A 1178 20.41 -7.30 34.23
CA SER A 1178 19.62 -6.60 35.22
C SER A 1178 20.15 -5.18 35.39
N VAL A 1179 19.49 -4.42 36.27
CA VAL A 1179 19.86 -3.03 36.51
C VAL A 1179 21.29 -2.92 37.03
N GLY A 1180 21.77 -3.95 37.73
CA GLY A 1180 23.09 -3.90 38.34
C GLY A 1180 24.23 -3.70 37.35
N GLN A 1181 24.48 -4.70 36.50
CA GLN A 1181 25.53 -4.56 35.51
C GLN A 1181 25.24 -3.48 34.47
N ARG A 1182 23.98 -3.06 34.31
CA ARG A 1182 23.70 -1.94 33.41
C ARG A 1182 24.22 -0.63 34.00
N GLN A 1183 23.87 -0.34 35.26
CA GLN A 1183 24.44 0.83 35.92
C GLN A 1183 25.96 0.72 35.99
N LEU A 1184 26.48 -0.49 36.19
CA LEU A 1184 27.92 -0.65 36.36
C LEU A 1184 28.66 -0.47 35.03
N VAL A 1185 28.01 -0.84 33.92
CA VAL A 1185 28.64 -0.64 32.62
C VAL A 1185 28.50 0.82 32.17
N CYS A 1186 27.47 1.53 32.62
CA CYS A 1186 27.47 2.98 32.43
C CYS A 1186 28.61 3.62 33.20
N LEU A 1187 28.85 3.16 34.43
CA LEU A 1187 30.01 3.62 35.18
C LEU A 1187 31.30 3.28 34.44
N ALA A 1188 31.35 2.12 33.79
CA ALA A 1188 32.54 1.74 33.02
C ALA A 1188 32.74 2.64 31.81
N ARG A 1189 31.65 3.04 31.16
CA ARG A 1189 31.73 4.05 30.10
C ARG A 1189 32.33 5.34 30.63
N ALA A 1190 31.82 5.81 31.77
CA ALA A 1190 32.36 7.02 32.38
C ALA A 1190 33.83 6.86 32.73
N ILE A 1191 34.24 5.64 33.11
CA ILE A 1191 35.65 5.37 33.40
C ILE A 1191 36.49 5.51 32.12
N LEU A 1192 36.10 4.79 31.07
CA LEU A 1192 36.93 4.73 29.87
C LEU A 1192 36.88 6.03 29.07
N ARG A 1193 35.90 6.90 29.34
CA ARG A 1193 35.81 8.15 28.59
C ARG A 1193 37.06 9.01 28.71
N LYS A 1194 37.77 8.92 29.84
CA LYS A 1194 38.99 9.70 30.08
C LYS A 1194 38.70 11.20 29.97
N ASN A 1195 37.85 11.68 30.87
CA ASN A 1195 37.35 13.05 30.81
C ASN A 1195 37.48 13.71 32.18
N GLN A 1196 37.19 15.01 32.23
CA GLN A 1196 37.28 15.78 33.46
C GLN A 1196 35.91 16.01 34.10
N ILE A 1197 35.00 16.66 33.40
CA ILE A 1197 33.71 17.01 33.97
C ILE A 1197 32.82 15.78 34.00
N LEU A 1198 32.23 15.51 35.17
CA LEU A 1198 31.35 14.35 35.35
C LEU A 1198 30.09 14.80 36.06
N ILE A 1199 28.94 14.58 35.43
CA ILE A 1199 27.64 14.95 35.97
C ILE A 1199 26.94 13.66 36.37
N ILE A 1200 26.77 13.46 37.67
CA ILE A 1200 26.12 12.27 38.20
C ILE A 1200 24.66 12.59 38.50
N ASP A 1201 23.76 11.76 37.98
CA ASP A 1201 22.33 11.86 38.26
C ASP A 1201 21.89 10.63 39.04
N GLU A 1202 20.87 10.81 39.87
CA GLU A 1202 20.40 9.75 40.75
C GLU A 1202 18.88 9.64 40.64
N ALA A 1203 18.40 8.52 40.13
CA ALA A 1203 16.97 8.18 40.12
C ALA A 1203 16.89 6.69 40.48
N THR A 1204 16.74 6.42 41.77
CA THR A 1204 16.97 5.10 42.32
C THR A 1204 15.70 4.26 42.35
N ALA A 1205 15.83 2.99 41.97
CA ALA A 1205 14.80 1.98 42.14
C ALA A 1205 15.42 0.64 42.53
N ASN A 1206 16.68 0.65 42.95
CA ASN A 1206 17.43 -0.56 43.22
C ASN A 1206 17.34 -0.94 44.70
N VAL A 1207 17.92 -2.09 45.02
CA VAL A 1207 17.87 -2.60 46.39
C VAL A 1207 19.17 -2.25 47.12
N ASP A 1208 19.11 -2.32 48.45
CA ASP A 1208 20.18 -1.90 49.36
C ASP A 1208 21.46 -2.73 49.31
N PRO A 1209 21.45 -4.02 48.91
CA PRO A 1209 22.70 -4.78 48.89
C PRO A 1209 23.77 -4.26 47.93
N ARG A 1210 24.85 -5.03 47.80
CA ARG A 1210 26.19 -4.59 47.43
C ARG A 1210 26.26 -3.69 46.19
N THR A 1211 25.20 -3.59 45.39
CA THR A 1211 25.26 -2.79 44.16
C THR A 1211 25.62 -1.33 44.44
N ASP A 1212 24.80 -0.65 45.24
CA ASP A 1212 25.04 0.78 45.46
C ASP A 1212 26.30 1.02 46.30
N GLU A 1213 26.58 0.15 47.27
CA GLU A 1213 27.83 0.26 48.02
C GLU A 1213 29.03 0.23 47.07
N LEU A 1214 29.07 -0.76 46.18
CA LEU A 1214 30.20 -0.90 45.28
C LEU A 1214 30.31 0.29 44.35
N ILE A 1215 29.20 0.71 43.74
CA ILE A 1215 29.29 1.80 42.78
C ILE A 1215 29.71 3.10 43.47
N GLN A 1216 29.23 3.35 44.69
CA GLN A 1216 29.60 4.59 45.35
C GLN A 1216 31.03 4.54 45.88
N LYS A 1217 31.54 3.36 46.24
CA LYS A 1217 32.95 3.30 46.59
C LYS A 1217 33.83 3.50 45.36
N LYS A 1218 33.41 2.97 44.21
CA LYS A 1218 34.19 3.21 43.00
C LYS A 1218 34.14 4.68 42.58
N ILE A 1219 33.04 5.38 42.85
CA ILE A 1219 33.08 6.81 42.57
C ILE A 1219 33.85 7.54 43.66
N ARG A 1220 34.05 6.90 44.82
CA ARG A 1220 34.97 7.44 45.82
C ARG A 1220 36.41 7.45 45.31
N GLU A 1221 36.98 6.27 45.04
CA GLU A 1221 38.43 6.25 44.83
C GLU A 1221 38.84 6.35 43.35
N LYS A 1222 38.02 5.86 42.43
CA LYS A 1222 38.45 5.84 41.02
C LYS A 1222 38.61 7.26 40.47
N PHE A 1223 37.57 8.10 40.55
CA PHE A 1223 37.64 9.44 40.00
C PHE A 1223 38.64 10.30 40.75
N ALA A 1224 39.68 10.76 40.05
CA ALA A 1224 40.80 11.48 40.68
C ALA A 1224 40.74 12.96 40.30
N HIS A 1225 40.19 13.75 41.22
CA HIS A 1225 40.26 15.22 41.18
C HIS A 1225 39.59 15.80 39.93
N CYS A 1226 38.36 15.35 39.67
CA CYS A 1226 37.65 15.79 38.47
C CYS A 1226 36.22 16.22 38.77
N THR A 1227 36.07 17.46 39.29
CA THR A 1227 34.91 18.33 39.10
C THR A 1227 33.57 17.62 39.00
N VAL A 1228 33.19 16.85 40.01
CA VAL A 1228 31.93 16.12 39.98
C VAL A 1228 30.79 17.07 40.33
N LEU A 1229 29.76 17.08 39.48
CA LEU A 1229 28.50 17.77 39.77
C LEU A 1229 27.43 16.72 39.94
N THR A 1230 26.87 16.64 41.15
CA THR A 1230 26.00 15.53 41.53
C THR A 1230 24.60 16.04 41.87
N ILE A 1231 23.60 15.22 41.56
CA ILE A 1231 22.21 15.48 41.91
C ILE A 1231 21.78 14.42 42.93
N ALA A 1232 21.17 14.87 44.02
CA ALA A 1232 20.83 14.00 45.13
C ALA A 1232 19.32 13.84 45.27
N HIS A 1233 18.89 12.60 45.48
CA HIS A 1233 17.50 12.30 45.82
C HIS A 1233 17.32 11.84 47.26
N ARG A 1234 18.34 11.20 47.84
CA ARG A 1234 18.37 10.86 49.25
C ARG A 1234 19.42 11.73 49.94
N LEU A 1235 19.04 12.33 51.06
CA LEU A 1235 19.88 13.34 51.70
C LEU A 1235 21.17 12.76 52.27
N ASN A 1236 21.26 11.44 52.44
CA ASN A 1236 22.43 10.84 53.06
C ASN A 1236 23.46 10.33 52.04
N THR A 1237 23.12 10.33 50.75
CA THR A 1237 24.08 9.88 49.75
C THR A 1237 25.27 10.83 49.65
N ILE A 1238 25.06 12.11 49.95
CA ILE A 1238 26.17 13.06 50.01
C ILE A 1238 27.01 12.73 51.25
N ILE A 1239 28.28 12.42 51.03
CA ILE A 1239 29.19 12.02 52.09
C ILE A 1239 30.48 12.81 51.96
N ASP A 1240 30.76 13.66 52.96
CA ASP A 1240 31.95 14.52 52.96
C ASP A 1240 32.02 15.39 51.71
N SER A 1241 30.92 16.08 51.43
CA SER A 1241 30.87 17.00 50.31
C SER A 1241 31.58 18.29 50.65
N ASP A 1242 31.96 19.04 49.61
CA ASP A 1242 32.69 20.28 49.76
C ASP A 1242 31.81 21.51 49.62
N LYS A 1243 30.76 21.43 48.80
CA LYS A 1243 29.88 22.56 48.55
C LYS A 1243 28.47 22.05 48.32
N ILE A 1244 27.51 22.63 49.03
CA ILE A 1244 26.12 22.20 48.97
C ILE A 1244 25.23 23.42 48.74
N MET A 1245 24.34 23.32 47.75
CA MET A 1245 23.35 24.33 47.45
C MET A 1245 21.96 23.73 47.60
N VAL A 1246 21.02 24.53 48.11
CA VAL A 1246 19.62 24.14 48.22
C VAL A 1246 18.82 24.96 47.21
N LEU A 1247 17.99 24.29 46.41
CA LEU A 1247 17.20 24.93 45.36
C LEU A 1247 15.74 24.63 45.57
N ASP A 1248 15.02 25.60 46.14
CA ASP A 1248 13.59 25.53 46.40
C ASP A 1248 12.84 26.01 45.16
N SER A 1249 11.62 26.52 45.34
CA SER A 1249 10.63 26.69 44.28
C SER A 1249 10.96 27.83 43.33
N GLY A 1250 12.25 28.10 43.11
CA GLY A 1250 12.65 29.06 42.10
C GLY A 1250 13.95 29.82 42.25
N ARG A 1251 14.64 29.71 43.37
CA ARG A 1251 16.03 30.15 43.44
C ARG A 1251 16.73 29.45 44.61
N LEU A 1252 17.91 29.95 44.95
CA LEU A 1252 18.85 29.28 45.84
C LEU A 1252 19.13 30.09 47.09
N LYS A 1253 19.57 29.39 48.14
CA LYS A 1253 20.22 30.00 49.31
C LYS A 1253 21.53 29.25 49.45
N GLU A 1254 22.55 29.69 48.72
CA GLU A 1254 23.76 28.90 48.55
C GLU A 1254 24.82 29.33 49.57
N TYR A 1255 25.62 28.36 49.98
CA TYR A 1255 26.66 28.59 50.97
C TYR A 1255 27.84 27.68 50.66
N ASP A 1256 28.99 28.03 51.23
CA ASP A 1256 30.23 27.33 50.91
C ASP A 1256 30.26 25.93 51.53
N GLU A 1257 30.20 25.86 52.85
CA GLU A 1257 30.32 24.59 53.55
C GLU A 1257 28.97 24.16 54.13
N PRO A 1258 28.73 22.85 54.25
CA PRO A 1258 27.50 22.38 54.91
C PRO A 1258 27.47 22.63 56.41
N TYR A 1259 28.55 23.16 56.99
CA TYR A 1259 28.56 23.45 58.42
C TYR A 1259 27.65 24.62 58.78
N VAL A 1260 27.42 25.55 57.85
CA VAL A 1260 26.54 26.68 58.13
C VAL A 1260 25.08 26.36 57.79
N LEU A 1261 24.84 25.30 57.01
CA LEU A 1261 23.47 24.91 56.69
C LEU A 1261 22.75 24.38 57.93
N LEU A 1262 23.29 23.31 58.52
CA LEU A 1262 22.71 22.72 59.71
C LEU A 1262 23.74 22.56 60.82
N1 MTX B . -7.93 -3.73 -20.40
C2 MTX B . -6.57 -3.92 -20.43
NA2 MTX B . -5.83 -3.33 -21.38
N3 MTX B . -5.95 -4.72 -19.49
C4 MTX B . -6.70 -5.33 -18.50
NA4 MTX B . -6.08 -5.76 -17.41
C4A MTX B . -8.07 -5.14 -18.48
N5 MTX B . -8.83 -5.76 -17.49
C6 MTX B . -10.20 -5.56 -17.46
C7 MTX B . -10.81 -4.76 -18.42
N8 MTX B . -10.05 -4.15 -19.40
C8A MTX B . -8.69 -4.34 -19.43
C9 MTX B . -11.03 -6.23 -16.39
N10 MTX B . -12.41 -5.81 -16.52
CM MTX B . -13.41 -6.76 -17.04
C11 MTX B . -13.71 -2.44 -14.39
C12 MTX B . -14.02 -2.56 -15.73
C13 MTX B . -13.60 -3.68 -16.45
C14 MTX B . -12.85 -4.66 -15.80
C15 MTX B . -12.53 -4.52 -14.46
C16 MTX B . -13.08 -3.48 -13.72
C MTX B . -14.16 -1.22 -13.62
O MTX B . -13.94 0.06 -14.16
N MTX B . -14.76 -1.41 -12.45
CA MTX B . -15.27 -0.31 -11.65
CT MTX B . -15.49 -0.73 -10.22
O1 MTX B . -16.51 -0.35 -9.60
O2 MTX B . -14.67 -1.47 -9.65
CB MTX B . -16.57 0.21 -12.23
CG MTX B . -16.41 1.62 -12.78
CD MTX B . -16.42 2.61 -11.64
OE1 MTX B . -15.86 3.72 -11.75
OE2 MTX B . -16.99 2.34 -10.56
#